data_8A1R
#
_entry.id   8A1R
#
_cell.length_a   1.00
_cell.length_b   1.00
_cell.length_c   1.00
_cell.angle_alpha   90.00
_cell.angle_beta   90.00
_cell.angle_gamma   90.00
#
_symmetry.space_group_name_H-M   'P 1'
#
loop_
_entity.id
_entity.type
_entity.pdbx_description
1 polymer 'Thioredoxin glutathione reductase'
2 non-polymer 'FLAVIN-ADENINE DINUCLEOTIDE'
3 non-polymer (2~{R},3~{R},4~{S},5~{R})-2-[3-[[[(1~{R},2~{R},3~{R},5~{S})-2,6,6-trimethyl-3-bicyclo[3.1.1]heptanyl]amino]methyl]indol-1-yl]oxane-3,4,5-triol
#
_entity_poly.entity_id   1
_entity_poly.type   'polypeptide(L)'
_entity_poly.pdbx_seq_one_letter_code
;MPPADGTSQWLRKTVDSAAVILFSKTTCPYCKKVKDVLAEAKIKHATIELDQLSNGSAIQKCLASFSKIETVPQMFVRGK
FIGDSQTVLKYYSNDELAGIVNESKYDYDLIVIGGGSGGLAAGKEAAKYGAKTAVLDYVEPTPIGTTWGLGGTCVNVGCI
PKKLMHQAGLLSHALEDAEHFGWSLDRSKISHNWSTMVEGVQSHIGSLNWGYKVALRDNQVTYLNAKGRLISPHEVQITD
KNQKVSTITGNKIILATGERPKYPEIPGAVEYGITSDDLFSLPYFPGKTLVIGASYVALECAGFLASLGGDVTVMVRSIL
LRGFDQQMAEKVGDYMENHGVKFAKLCVPDEIKQLKVVDTENNKPGLLLVKGHYTDGKKFEEEFETVIFAVGREPQLSKV
LCETVGVKLDKNGRVVCTDDEQTTVSNVYAIGDINAGKPQLTPVAIQAGRYLARRLFAGATELTDYSNVATTVFTPLEYG
ACGLSEEDAIEKYGDKDIEVYHSNFKPLEWTVAHREDNVCYMKLVCRKSDNMRVLGLHVLGPNAGEITQGYAVAIKMGAT
KADFDRTIGIHPTCSETFTTLHVTKKSGVSPIVSGCCG
;
_entity_poly.pdbx_strand_id   A,B
#
# COMPACT_ATOMS: atom_id res chain seq x y z
N GLY A 6 -3.66 -40.01 -14.73
CA GLY A 6 -3.21 -39.11 -15.79
C GLY A 6 -4.21 -38.01 -16.08
N THR A 7 -4.18 -37.50 -17.32
CA THR A 7 -5.06 -36.42 -17.74
C THR A 7 -6.45 -36.92 -18.16
N SER A 8 -6.82 -38.15 -17.79
CA SER A 8 -8.13 -38.65 -18.18
C SER A 8 -9.24 -37.79 -17.59
N GLN A 9 -9.10 -37.38 -16.33
CA GLN A 9 -10.09 -36.52 -15.70
C GLN A 9 -10.21 -35.19 -16.43
N TRP A 10 -9.08 -34.61 -16.82
CA TRP A 10 -9.12 -33.33 -17.54
C TRP A 10 -9.83 -33.47 -18.88
N LEU A 11 -9.53 -34.53 -19.63
CA LEU A 11 -10.20 -34.75 -20.91
C LEU A 11 -11.69 -34.96 -20.72
N ARG A 12 -12.07 -35.75 -19.72
CA ARG A 12 -13.49 -35.98 -19.45
C ARG A 12 -14.19 -34.68 -19.09
N LYS A 13 -13.55 -33.84 -18.27
CA LYS A 13 -14.14 -32.56 -17.89
C LYS A 13 -14.30 -31.64 -19.11
N THR A 14 -13.28 -31.59 -19.97
CA THR A 14 -13.33 -30.70 -21.12
C THR A 14 -14.37 -31.15 -22.13
N VAL A 15 -14.36 -32.44 -22.51
CA VAL A 15 -15.22 -32.89 -23.60
C VAL A 15 -16.69 -32.85 -23.18
N ASP A 16 -16.98 -33.12 -21.90
CA ASP A 16 -18.35 -33.12 -21.42
C ASP A 16 -18.92 -31.73 -21.22
N SER A 17 -18.12 -30.69 -21.44
CA SER A 17 -18.55 -29.31 -21.22
C SER A 17 -18.03 -28.47 -22.38
N ALA A 18 -18.07 -27.15 -22.22
CA ALA A 18 -17.56 -26.18 -23.17
C ALA A 18 -18.30 -26.22 -24.50
N ALA A 19 -17.92 -25.34 -25.42
CA ALA A 19 -18.55 -25.27 -26.74
C ALA A 19 -17.59 -25.78 -27.80
N VAL A 20 -16.39 -25.20 -27.91
CA VAL A 20 -15.37 -25.66 -28.85
C VAL A 20 -14.03 -25.68 -28.12
N ILE A 21 -13.33 -26.80 -28.22
CA ILE A 21 -12.00 -26.97 -27.64
C ILE A 21 -11.07 -27.49 -28.73
N LEU A 22 -9.96 -26.81 -28.95
CA LEU A 22 -9.03 -27.15 -30.02
C LEU A 22 -7.69 -27.53 -29.41
N PHE A 23 -7.37 -28.83 -29.46
CA PHE A 23 -6.08 -29.32 -29.00
C PHE A 23 -5.04 -29.10 -30.08
N SER A 24 -3.96 -28.42 -29.74
CA SER A 24 -2.93 -28.08 -30.72
C SER A 24 -1.58 -27.93 -30.01
N LYS A 25 -0.53 -27.87 -30.81
CA LYS A 25 0.82 -27.62 -30.34
C LYS A 25 1.43 -26.46 -31.11
N THR A 26 2.46 -25.86 -30.53
CA THR A 26 3.12 -24.73 -31.19
C THR A 26 4.01 -25.21 -32.34
N THR A 27 4.67 -26.36 -32.17
CA THR A 27 5.61 -26.84 -33.17
C THR A 27 4.93 -27.16 -34.49
N CYS A 28 3.78 -27.80 -34.44
CA CYS A 28 3.09 -28.23 -35.65
C CYS A 28 2.57 -27.02 -36.43
N PRO A 29 2.93 -26.84 -37.69
CA PRO A 29 2.46 -25.66 -38.45
C PRO A 29 1.00 -25.79 -38.85
N TYR A 30 0.52 -27.03 -39.02
CA TYR A 30 -0.87 -27.25 -39.38
C TYR A 30 -1.80 -26.80 -38.26
N CYS A 31 -1.39 -26.98 -37.01
CA CYS A 31 -2.19 -26.52 -35.88
C CYS A 31 -2.31 -24.99 -35.89
N LYS A 32 -1.20 -24.29 -36.15
CA LYS A 32 -1.27 -22.84 -36.26
C LYS A 32 -2.13 -22.42 -37.45
N LYS A 33 -2.05 -23.16 -38.55
CA LYS A 33 -2.86 -22.84 -39.73
C LYS A 33 -4.35 -22.97 -39.43
N VAL A 34 -4.74 -24.05 -38.75
CA VAL A 34 -6.16 -24.21 -38.44
C VAL A 34 -6.61 -23.21 -37.38
N LYS A 35 -5.71 -22.84 -36.47
CA LYS A 35 -6.04 -21.77 -35.53
C LYS A 35 -6.30 -20.46 -36.27
N ASP A 36 -5.45 -20.15 -37.25
CA ASP A 36 -5.67 -18.94 -38.05
C ASP A 36 -6.97 -19.03 -38.84
N VAL A 37 -7.29 -20.23 -39.36
CA VAL A 37 -8.53 -20.41 -40.11
C VAL A 37 -9.74 -20.16 -39.21
N LEU A 38 -9.71 -20.69 -37.99
CA LEU A 38 -10.80 -20.42 -37.05
C LEU A 38 -10.86 -18.95 -36.67
N ALA A 39 -9.70 -18.30 -36.55
CA ALA A 39 -9.68 -16.88 -36.19
C ALA A 39 -10.29 -16.02 -37.28
N GLU A 40 -9.93 -16.28 -38.54
CA GLU A 40 -10.47 -15.50 -39.64
C GLU A 40 -11.96 -15.76 -39.87
N ALA A 41 -12.48 -16.85 -39.32
CA ALA A 41 -13.90 -17.14 -39.39
C ALA A 41 -14.69 -16.51 -38.25
N LYS A 42 -14.03 -15.70 -37.41
CA LYS A 42 -14.66 -15.07 -36.25
C LYS A 42 -15.27 -16.13 -35.32
N ILE A 43 -14.51 -17.20 -35.09
CA ILE A 43 -14.94 -18.30 -34.23
C ILE A 43 -14.05 -18.29 -33.00
N LYS A 44 -14.65 -17.98 -31.85
CA LYS A 44 -13.95 -18.05 -30.58
C LYS A 44 -13.74 -19.50 -30.17
N HIS A 45 -12.54 -19.81 -29.67
CA HIS A 45 -12.20 -21.19 -29.35
C HIS A 45 -11.32 -21.24 -28.11
N ALA A 46 -11.44 -22.34 -27.37
CA ALA A 46 -10.63 -22.57 -26.17
C ALA A 46 -9.45 -23.48 -26.52
N THR A 47 -8.51 -22.92 -27.27
CA THR A 47 -7.33 -23.68 -27.69
C THR A 47 -6.46 -24.03 -26.50
N ILE A 48 -5.86 -25.21 -26.55
CA ILE A 48 -4.96 -25.70 -25.51
C ILE A 48 -3.65 -26.12 -26.18
N GLU A 49 -2.53 -25.66 -25.64
CA GLU A 49 -1.21 -26.00 -26.17
C GLU A 49 -0.69 -27.22 -25.43
N LEU A 50 -0.57 -28.34 -26.12
CA LEU A 50 -0.19 -29.60 -25.48
C LEU A 50 1.30 -29.64 -25.16
N ASP A 51 2.13 -29.09 -26.04
CA ASP A 51 3.58 -29.18 -25.84
C ASP A 51 4.01 -28.45 -24.57
N GLN A 52 3.44 -27.28 -24.31
CA GLN A 52 3.83 -26.50 -23.14
C GLN A 52 3.20 -27.00 -21.86
N LEU A 53 2.15 -27.82 -21.94
CA LEU A 53 1.54 -28.36 -20.73
C LEU A 53 2.45 -29.40 -20.10
N SER A 54 2.45 -29.43 -18.76
CA SER A 54 3.45 -30.21 -18.03
C SER A 54 3.34 -31.70 -18.32
N ASN A 55 2.12 -32.24 -18.29
CA ASN A 55 1.91 -33.68 -18.53
C ASN A 55 1.71 -33.88 -20.03
N GLY A 56 2.85 -33.93 -20.74
CA GLY A 56 2.85 -34.08 -22.18
C GLY A 56 2.76 -35.49 -22.71
N SER A 57 2.61 -36.47 -21.83
CA SER A 57 2.54 -37.88 -22.22
C SER A 57 1.15 -38.47 -22.09
N ALA A 58 0.51 -38.30 -20.94
CA ALA A 58 -0.82 -38.86 -20.74
C ALA A 58 -1.87 -38.22 -21.64
N ILE A 59 -1.65 -36.99 -22.08
CA ILE A 59 -2.61 -36.33 -22.96
C ILE A 59 -2.73 -37.07 -24.28
N GLN A 60 -1.61 -37.52 -24.83
CA GLN A 60 -1.64 -38.29 -26.08
C GLN A 60 -2.41 -39.59 -25.90
N LYS A 61 -2.18 -40.28 -24.78
CA LYS A 61 -2.90 -41.54 -24.53
C LYS A 61 -4.40 -41.29 -24.38
N CYS A 62 -4.78 -40.23 -23.68
CA CYS A 62 -6.20 -39.90 -23.56
C CYS A 62 -6.81 -39.54 -24.91
N LEU A 63 -6.07 -38.81 -25.74
CA LEU A 63 -6.55 -38.49 -27.09
C LEU A 63 -6.76 -39.75 -27.91
N ALA A 64 -5.81 -40.69 -27.83
CA ALA A 64 -5.97 -41.96 -28.54
C ALA A 64 -7.18 -42.72 -28.02
N SER A 65 -7.39 -42.71 -26.69
CA SER A 65 -8.50 -43.44 -26.11
C SER A 65 -9.85 -42.87 -26.53
N PHE A 66 -9.96 -41.53 -26.56
CA PHE A 66 -11.25 -40.90 -26.79
C PHE A 66 -11.48 -40.59 -28.28
N SER A 67 -10.62 -39.78 -28.87
CA SER A 67 -10.79 -39.33 -30.25
C SER A 67 -10.44 -40.40 -31.28
N LYS A 68 -9.87 -41.52 -30.85
CA LYS A 68 -9.45 -42.61 -31.74
C LYS A 68 -8.37 -42.16 -32.72
N ILE A 69 -7.75 -41.02 -32.46
CA ILE A 69 -6.67 -40.50 -33.30
C ILE A 69 -5.81 -39.56 -32.47
N GLU A 70 -4.49 -39.71 -32.56
CA GLU A 70 -3.57 -38.89 -31.79
C GLU A 70 -3.02 -37.71 -32.57
N THR A 71 -3.32 -37.61 -33.86
CA THR A 71 -2.75 -36.56 -34.69
C THR A 71 -3.37 -35.22 -34.33
N VAL A 72 -2.62 -34.39 -33.60
CA VAL A 72 -3.03 -33.03 -33.31
C VAL A 72 -2.91 -32.22 -34.59
N PRO A 73 -3.72 -31.16 -34.80
CA PRO A 73 -4.74 -30.64 -33.90
C PRO A 73 -6.05 -31.39 -33.98
N GLN A 74 -6.86 -31.32 -32.93
CA GLN A 74 -8.18 -31.93 -32.89
C GLN A 74 -9.17 -30.95 -32.27
N MET A 75 -10.21 -30.60 -33.03
CA MET A 75 -11.17 -29.60 -32.60
C MET A 75 -12.50 -30.27 -32.33
N PHE A 76 -13.07 -30.01 -31.15
CA PHE A 76 -14.19 -30.76 -30.60
C PHE A 76 -15.30 -29.79 -30.20
N VAL A 77 -16.52 -30.08 -30.60
CA VAL A 77 -17.66 -29.19 -30.41
C VAL A 77 -18.82 -29.94 -29.78
N ARG A 78 -19.25 -29.52 -28.59
CA ARG A 78 -20.56 -29.85 -28.03
C ARG A 78 -20.84 -31.36 -28.06
N GLY A 79 -19.87 -32.14 -27.61
CA GLY A 79 -20.04 -33.57 -27.57
C GLY A 79 -19.90 -34.28 -28.91
N LYS A 80 -19.47 -33.57 -29.95
CA LYS A 80 -19.31 -34.15 -31.28
C LYS A 80 -17.89 -33.88 -31.74
N PHE A 81 -17.22 -34.93 -32.21
CA PHE A 81 -15.82 -34.85 -32.64
C PHE A 81 -15.78 -34.49 -34.13
N ILE A 82 -15.34 -33.26 -34.41
CA ILE A 82 -15.28 -32.79 -35.79
C ILE A 82 -14.19 -33.54 -36.56
N GLY A 83 -13.00 -33.66 -35.97
CA GLY A 83 -11.90 -34.38 -36.59
C GLY A 83 -10.62 -33.55 -36.58
N ASP A 84 -9.77 -33.80 -37.57
CA ASP A 84 -8.47 -33.16 -37.67
C ASP A 84 -8.59 -31.81 -38.36
N SER A 85 -7.43 -31.17 -38.60
CA SER A 85 -7.42 -29.89 -39.29
C SER A 85 -7.95 -30.02 -40.71
N GLN A 86 -7.64 -31.14 -41.37
CA GLN A 86 -8.18 -31.36 -42.72
C GLN A 86 -9.70 -31.42 -42.70
N THR A 87 -10.28 -32.06 -41.69
CA THR A 87 -11.73 -32.13 -41.57
C THR A 87 -12.32 -30.74 -41.39
N VAL A 88 -11.71 -29.92 -40.53
CA VAL A 88 -12.22 -28.57 -40.31
C VAL A 88 -12.10 -27.73 -41.58
N LEU A 89 -11.00 -27.89 -42.31
CA LEU A 89 -10.83 -27.17 -43.57
C LEU A 89 -11.89 -27.60 -44.57
N LYS A 90 -12.20 -28.90 -44.63
CA LYS A 90 -13.24 -29.38 -45.53
C LYS A 90 -14.61 -28.83 -45.14
N TYR A 91 -14.90 -28.78 -43.84
CA TYR A 91 -16.17 -28.21 -43.40
C TYR A 91 -16.28 -26.74 -43.77
N TYR A 92 -15.18 -25.99 -43.61
CA TYR A 92 -15.19 -24.59 -44.02
C TYR A 92 -15.24 -24.43 -45.54
N SER A 93 -14.80 -25.44 -46.29
CA SER A 93 -14.83 -25.34 -47.75
C SER A 93 -16.26 -25.24 -48.26
N ASN A 94 -17.18 -26.02 -47.69
CA ASN A 94 -18.59 -25.96 -48.05
C ASN A 94 -19.36 -24.91 -47.26
N ASP A 95 -18.66 -24.05 -46.53
CA ASP A 95 -19.26 -22.95 -45.77
C ASP A 95 -20.22 -23.47 -44.70
N GLU A 96 -19.97 -24.68 -44.20
CA GLU A 96 -20.75 -25.26 -43.11
C GLU A 96 -20.13 -25.05 -41.75
N LEU A 97 -18.94 -24.45 -41.68
CA LEU A 97 -18.29 -24.25 -40.38
C LEU A 97 -19.12 -23.33 -39.49
N ALA A 98 -19.70 -22.27 -40.06
CA ALA A 98 -20.62 -21.45 -39.29
C ALA A 98 -21.87 -22.22 -38.92
N GLY A 99 -22.35 -23.09 -39.80
CA GLY A 99 -23.53 -23.88 -39.50
C GLY A 99 -23.31 -24.88 -38.38
N ILE A 100 -22.17 -25.58 -38.39
CA ILE A 100 -21.94 -26.62 -37.39
C ILE A 100 -21.73 -26.05 -36.00
N VAL A 101 -21.33 -24.79 -35.88
CA VAL A 101 -21.18 -24.16 -34.57
C VAL A 101 -22.54 -23.56 -34.22
N ASN A 102 -23.42 -24.41 -33.68
CA ASN A 102 -24.77 -24.01 -33.32
C ASN A 102 -25.17 -24.58 -31.97
N GLU A 103 -24.20 -24.73 -31.06
CA GLU A 103 -24.43 -25.19 -29.69
C GLU A 103 -24.96 -26.63 -29.76
N SER A 104 -26.04 -26.96 -29.05
CA SER A 104 -26.51 -28.34 -28.94
C SER A 104 -28.00 -28.29 -28.60
N LYS A 105 -28.52 -29.42 -28.12
CA LYS A 105 -29.94 -29.48 -27.72
C LYS A 105 -30.29 -28.38 -26.73
N TYR A 106 -29.36 -28.05 -25.83
CA TYR A 106 -29.57 -26.94 -24.92
C TYR A 106 -29.52 -25.61 -25.68
N ASP A 107 -30.38 -24.67 -25.26
CA ASP A 107 -30.47 -23.40 -25.97
C ASP A 107 -29.22 -22.55 -25.79
N TYR A 108 -28.58 -22.63 -24.61
CA TYR A 108 -27.42 -21.83 -24.32
C TYR A 108 -26.30 -22.68 -23.74
N ASP A 109 -25.06 -22.30 -24.04
CA ASP A 109 -23.91 -22.99 -23.47
C ASP A 109 -23.80 -22.74 -21.97
N LEU A 110 -24.18 -21.54 -21.54
CA LEU A 110 -24.16 -21.21 -20.12
C LEU A 110 -25.09 -20.03 -19.88
N ILE A 111 -25.83 -20.10 -18.77
CA ILE A 111 -26.75 -19.04 -18.37
C ILE A 111 -26.39 -18.61 -16.95
N VAL A 112 -26.14 -17.31 -16.79
CA VAL A 112 -25.87 -16.71 -15.48
C VAL A 112 -27.13 -16.00 -15.02
N ILE A 113 -27.56 -16.27 -13.80
CA ILE A 113 -28.74 -15.64 -13.22
C ILE A 113 -28.23 -14.58 -12.27
N GLY A 114 -28.23 -13.32 -12.72
CA GLY A 114 -27.74 -12.23 -11.90
C GLY A 114 -26.53 -11.54 -12.48
N GLY A 115 -26.72 -10.31 -12.96
CA GLY A 115 -25.66 -9.57 -13.61
C GLY A 115 -24.78 -8.79 -12.65
N GLY A 116 -24.32 -9.44 -11.59
CA GLY A 116 -23.40 -8.83 -10.67
C GLY A 116 -21.97 -8.86 -11.20
N SER A 117 -21.06 -8.33 -10.38
CA SER A 117 -19.66 -8.26 -10.80
C SER A 117 -19.10 -9.64 -11.08
N GLY A 118 -19.33 -10.59 -10.16
CA GLY A 118 -18.93 -11.96 -10.41
C GLY A 118 -19.65 -12.56 -11.60
N GLY A 119 -20.95 -12.29 -11.72
CA GLY A 119 -21.70 -12.82 -12.84
C GLY A 119 -21.22 -12.29 -14.18
N LEU A 120 -21.00 -10.98 -14.27
CA LEU A 120 -20.53 -10.41 -15.52
C LEU A 120 -19.11 -10.87 -15.83
N ALA A 121 -18.26 -11.00 -14.80
CA ALA A 121 -16.91 -11.51 -15.03
C ALA A 121 -16.94 -12.93 -15.57
N ALA A 122 -17.78 -13.79 -14.97
CA ALA A 122 -17.90 -15.16 -15.46
C ALA A 122 -18.45 -15.18 -16.88
N GLY A 123 -19.42 -14.30 -17.18
CA GLY A 123 -19.95 -14.25 -18.53
C GLY A 123 -18.91 -13.87 -19.55
N LYS A 124 -18.13 -12.83 -19.25
CA LYS A 124 -17.07 -12.41 -20.17
C LYS A 124 -16.01 -13.50 -20.32
N GLU A 125 -15.62 -14.14 -19.21
CA GLU A 125 -14.60 -15.18 -19.26
C GLU A 125 -15.07 -16.35 -20.10
N ALA A 126 -16.34 -16.76 -19.94
CA ALA A 126 -16.88 -17.83 -20.76
C ALA A 126 -16.98 -17.42 -22.22
N ALA A 127 -17.39 -16.18 -22.47
CA ALA A 127 -17.56 -15.72 -23.85
C ALA A 127 -16.24 -15.70 -24.59
N LYS A 128 -15.16 -15.25 -23.94
CA LYS A 128 -13.88 -15.22 -24.61
C LYS A 128 -13.21 -16.58 -24.70
N TYR A 129 -13.78 -17.61 -24.09
CA TYR A 129 -13.29 -18.97 -24.21
C TYR A 129 -14.06 -19.81 -25.23
N GLY A 130 -15.02 -19.22 -25.94
CA GLY A 130 -15.69 -19.88 -27.04
C GLY A 130 -17.19 -20.01 -26.86
N ALA A 131 -17.64 -20.25 -25.63
CA ALA A 131 -19.05 -20.54 -25.40
C ALA A 131 -19.91 -19.29 -25.58
N LYS A 132 -21.17 -19.52 -25.95
CA LYS A 132 -22.16 -18.45 -26.08
C LYS A 132 -22.95 -18.39 -24.77
N THR A 133 -22.97 -17.21 -24.15
CA THR A 133 -23.44 -17.07 -22.78
C THR A 133 -24.63 -16.12 -22.71
N ALA A 134 -25.60 -16.48 -21.87
CA ALA A 134 -26.71 -15.61 -21.54
C ALA A 134 -26.53 -15.08 -20.12
N VAL A 135 -26.83 -13.80 -19.94
CA VAL A 135 -26.77 -13.15 -18.64
C VAL A 135 -28.14 -12.56 -18.34
N LEU A 136 -28.66 -12.82 -17.15
CA LEU A 136 -30.01 -12.44 -16.78
C LEU A 136 -29.95 -11.64 -15.49
N ASP A 137 -30.15 -10.33 -15.58
CA ASP A 137 -30.09 -9.43 -14.44
C ASP A 137 -31.40 -8.68 -14.31
N TYR A 138 -32.00 -8.73 -13.12
CA TYR A 138 -33.20 -7.97 -12.82
C TYR A 138 -33.14 -7.53 -11.37
N VAL A 139 -33.57 -6.29 -11.12
CA VAL A 139 -33.56 -5.71 -9.78
C VAL A 139 -35.01 -5.49 -9.36
N GLU A 140 -35.41 -6.12 -8.27
CA GLU A 140 -36.74 -5.87 -7.73
C GLU A 140 -36.78 -4.46 -7.17
N PRO A 141 -37.75 -3.64 -7.57
CA PRO A 141 -37.77 -2.24 -7.12
C PRO A 141 -37.83 -2.13 -5.60
N THR A 142 -37.12 -1.14 -5.08
CA THR A 142 -37.16 -0.86 -3.66
C THR A 142 -38.57 -0.43 -3.26
N PRO A 143 -39.03 -0.79 -2.06
CA PRO A 143 -40.35 -0.32 -1.61
C PRO A 143 -40.56 1.18 -1.75
N ILE A 144 -39.50 1.98 -1.59
CA ILE A 144 -39.62 3.40 -1.88
C ILE A 144 -39.86 3.62 -3.37
N GLY A 145 -39.13 2.90 -4.22
CA GLY A 145 -39.34 3.00 -5.65
C GLY A 145 -38.06 3.16 -6.45
N THR A 146 -36.93 3.31 -5.77
CA THR A 146 -35.67 3.50 -6.45
C THR A 146 -35.24 2.23 -7.18
N THR A 147 -34.60 2.41 -8.33
CA THR A 147 -34.16 1.30 -9.15
C THR A 147 -32.87 1.70 -9.86
N TRP A 148 -32.04 0.71 -10.15
CA TRP A 148 -30.78 0.93 -10.85
C TRP A 148 -30.66 -0.06 -12.00
N GLY A 149 -29.78 0.26 -12.94
CA GLY A 149 -29.58 -0.57 -14.10
C GLY A 149 -28.63 -1.72 -13.84
N LEU A 150 -28.05 -2.24 -14.92
CA LEU A 150 -27.11 -3.35 -14.81
C LEU A 150 -25.85 -2.93 -14.07
N GLY A 151 -25.24 -3.88 -13.37
CA GLY A 151 -24.00 -3.63 -12.67
C GLY A 151 -23.91 -4.36 -11.35
N GLY A 152 -25.06 -4.73 -10.79
CA GLY A 152 -25.08 -5.43 -9.52
C GLY A 152 -24.97 -4.47 -8.35
N THR A 153 -24.97 -5.07 -7.16
CA THR A 153 -24.96 -4.28 -5.93
C THR A 153 -23.67 -3.49 -5.79
N CYS A 154 -22.52 -4.15 -5.93
CA CYS A 154 -21.25 -3.48 -5.69
C CYS A 154 -21.07 -2.27 -6.59
N VAL A 155 -21.54 -2.35 -7.83
CA VAL A 155 -21.34 -1.28 -8.79
C VAL A 155 -22.43 -0.22 -8.62
N ASN A 156 -23.68 -0.61 -8.87
CA ASN A 156 -24.75 0.39 -8.95
C ASN A 156 -24.99 1.09 -7.61
N VAL A 157 -25.19 0.33 -6.54
CA VAL A 157 -25.40 0.90 -5.22
C VAL A 157 -24.55 0.13 -4.22
N GLY A 158 -23.35 0.62 -3.96
CA GLY A 158 -22.37 -0.15 -3.23
C GLY A 158 -20.96 0.44 -3.28
N CYS A 159 -20.00 -0.39 -3.70
CA CYS A 159 -18.59 -0.03 -3.66
C CYS A 159 -18.32 1.37 -4.21
N ILE A 160 -18.67 1.59 -5.48
CA ILE A 160 -18.27 2.84 -6.15
C ILE A 160 -18.89 4.07 -5.49
N PRO A 161 -20.21 4.17 -5.31
CA PRO A 161 -20.76 5.36 -4.65
C PRO A 161 -20.28 5.52 -3.22
N LYS A 162 -20.09 4.40 -2.51
CA LYS A 162 -19.59 4.49 -1.13
C LYS A 162 -18.21 5.13 -1.11
N LYS A 163 -17.31 4.69 -2.00
CA LYS A 163 -15.99 5.31 -2.06
C LYS A 163 -16.06 6.76 -2.51
N LEU A 164 -16.95 7.08 -3.46
CA LEU A 164 -17.04 8.47 -3.91
C LEU A 164 -17.47 9.39 -2.78
N MET A 165 -18.46 8.96 -1.98
CA MET A 165 -18.91 9.80 -0.89
C MET A 165 -17.91 9.82 0.27
N HIS A 166 -17.17 8.72 0.47
CA HIS A 166 -16.09 8.75 1.45
C HIS A 166 -14.98 9.71 1.01
N GLN A 167 -14.71 9.77 -0.29
CA GLN A 167 -13.76 10.75 -0.81
C GLN A 167 -14.28 12.16 -0.60
N ALA A 168 -15.59 12.35 -0.72
CA ALA A 168 -16.18 13.64 -0.39
C ALA A 168 -15.95 14.00 1.07
N GLY A 169 -16.12 13.03 1.97
CA GLY A 169 -15.82 13.28 3.38
C GLY A 169 -14.36 13.60 3.64
N LEU A 170 -13.46 12.88 2.95
CA LEU A 170 -12.04 13.19 3.06
C LEU A 170 -11.74 14.59 2.56
N LEU A 171 -12.42 15.01 1.49
CA LEU A 171 -12.29 16.39 1.03
C LEU A 171 -12.80 17.37 2.07
N SER A 172 -13.87 17.00 2.77
CA SER A 172 -14.37 17.84 3.85
C SER A 172 -13.31 18.04 4.92
N HIS A 173 -12.62 16.96 5.30
CA HIS A 173 -11.53 17.10 6.27
C HIS A 173 -10.36 17.90 5.68
N ALA A 174 -10.09 17.72 4.38
CA ALA A 174 -9.01 18.45 3.74
C ALA A 174 -9.28 19.95 3.71
N LEU A 175 -10.56 20.34 3.62
CA LEU A 175 -10.90 21.75 3.74
C LEU A 175 -10.50 22.31 5.11
N GLU A 176 -10.75 21.53 6.16
CA GLU A 176 -10.29 21.95 7.49
C GLU A 176 -8.77 22.04 7.53
N ASP A 177 -8.08 21.07 6.94
CA ASP A 177 -6.63 21.03 7.01
C ASP A 177 -5.96 22.09 6.14
N ALA A 178 -6.65 22.59 5.11
CA ALA A 178 -6.05 23.56 4.19
C ALA A 178 -5.74 24.87 4.88
N GLU A 179 -6.57 25.28 5.84
CA GLU A 179 -6.29 26.51 6.56
C GLU A 179 -4.98 26.42 7.34
N HIS A 180 -4.73 25.27 7.98
CA HIS A 180 -3.43 25.03 8.59
C HIS A 180 -2.35 24.81 7.56
N PHE A 181 -2.72 24.53 6.31
CA PHE A 181 -1.79 24.43 5.20
C PHE A 181 -1.86 25.65 4.28
N GLY A 182 -2.03 26.83 4.86
CA GLY A 182 -1.78 28.07 4.14
C GLY A 182 -2.60 28.27 2.88
N TRP A 183 -3.89 27.97 2.93
CA TRP A 183 -4.78 28.22 1.82
C TRP A 183 -5.85 29.21 2.25
N SER A 184 -6.05 30.25 1.44
CA SER A 184 -6.97 31.34 1.79
C SER A 184 -8.40 30.83 1.57
N LEU A 185 -8.99 30.28 2.62
CA LEU A 185 -10.35 29.76 2.60
C LEU A 185 -10.83 29.63 4.03
N ASP A 186 -12.14 29.74 4.21
CA ASP A 186 -12.76 29.68 5.53
C ASP A 186 -13.68 28.47 5.60
N ARG A 187 -13.53 27.66 6.66
CA ARG A 187 -14.40 26.52 6.84
C ARG A 187 -15.83 26.94 7.14
N SER A 188 -16.01 28.12 7.75
CA SER A 188 -17.36 28.60 8.01
C SER A 188 -18.07 29.05 6.75
N LYS A 189 -17.33 29.39 5.69
CA LYS A 189 -17.90 29.88 4.45
C LYS A 189 -17.97 28.82 3.36
N ILE A 190 -17.64 27.58 3.68
CA ILE A 190 -17.71 26.47 2.72
C ILE A 190 -18.84 25.55 3.17
N SER A 191 -19.67 25.14 2.22
CA SER A 191 -20.80 24.27 2.47
C SER A 191 -20.86 23.17 1.43
N HIS A 192 -21.63 22.13 1.73
CA HIS A 192 -21.74 20.96 0.87
C HIS A 192 -23.06 20.97 0.13
N ASN A 193 -23.00 20.83 -1.19
CA ASN A 193 -24.20 20.70 -2.02
C ASN A 193 -24.41 19.22 -2.29
N TRP A 194 -25.31 18.61 -1.52
CA TRP A 194 -25.52 17.16 -1.61
C TRP A 194 -26.10 16.77 -2.96
N SER A 195 -27.04 17.56 -3.48
CA SER A 195 -27.73 17.19 -4.72
C SER A 195 -26.78 17.13 -5.90
N THR A 196 -25.86 18.09 -6.00
CA THR A 196 -24.89 18.07 -7.09
C THR A 196 -23.99 16.85 -7.00
N MET A 197 -23.57 16.49 -5.78
CA MET A 197 -22.75 15.29 -5.60
C MET A 197 -23.50 14.04 -6.04
N VAL A 198 -24.79 13.94 -5.67
CA VAL A 198 -25.58 12.79 -6.07
C VAL A 198 -25.73 12.75 -7.59
N GLU A 199 -25.96 13.91 -8.21
CA GLU A 199 -26.09 13.96 -9.66
C GLU A 199 -24.80 13.50 -10.33
N GLY A 200 -23.66 13.95 -9.82
CA GLY A 200 -22.39 13.55 -10.40
C GLY A 200 -22.11 12.07 -10.26
N VAL A 201 -22.35 11.52 -9.07
CA VAL A 201 -22.08 10.10 -8.86
C VAL A 201 -23.04 9.25 -9.68
N GLN A 202 -24.28 9.71 -9.83
CA GLN A 202 -25.24 8.98 -10.65
C GLN A 202 -24.85 9.04 -12.13
N SER A 203 -24.32 10.18 -12.57
CA SER A 203 -23.83 10.26 -13.94
C SER A 203 -22.67 9.30 -14.16
N HIS A 204 -21.75 9.23 -13.19
CA HIS A 204 -20.64 8.30 -13.32
C HIS A 204 -21.11 6.86 -13.33
N ILE A 205 -22.08 6.52 -12.48
CA ILE A 205 -22.54 5.14 -12.43
C ILE A 205 -23.32 4.80 -13.69
N GLY A 206 -24.04 5.76 -14.26
CA GLY A 206 -24.68 5.51 -15.54
C GLY A 206 -23.68 5.28 -16.65
N SER A 207 -22.58 6.04 -16.64
CA SER A 207 -21.51 5.80 -17.59
C SER A 207 -20.93 4.41 -17.41
N LEU A 208 -20.75 3.98 -16.15
CA LEU A 208 -20.26 2.63 -15.89
C LEU A 208 -21.23 1.57 -16.41
N ASN A 209 -22.53 1.79 -16.21
CA ASN A 209 -23.52 0.84 -16.71
C ASN A 209 -23.49 0.77 -18.23
N TRP A 210 -23.38 1.91 -18.90
CA TRP A 210 -23.31 1.91 -20.35
C TRP A 210 -22.05 1.20 -20.84
N GLY A 211 -20.92 1.42 -20.17
CA GLY A 211 -19.71 0.71 -20.54
C GLY A 211 -19.84 -0.78 -20.33
N TYR A 212 -20.49 -1.19 -19.24
CA TYR A 212 -20.70 -2.61 -19.00
C TYR A 212 -21.58 -3.22 -20.08
N LYS A 213 -22.64 -2.51 -20.48
CA LYS A 213 -23.50 -3.02 -21.55
C LYS A 213 -22.73 -3.15 -22.85
N VAL A 214 -21.90 -2.15 -23.18
CA VAL A 214 -21.10 -2.21 -24.40
C VAL A 214 -20.15 -3.39 -24.34
N ALA A 215 -19.50 -3.60 -23.18
CA ALA A 215 -18.57 -4.70 -23.05
C ALA A 215 -19.26 -6.06 -23.20
N LEU A 216 -20.44 -6.21 -22.59
CA LEU A 216 -21.12 -7.50 -22.67
C LEU A 216 -21.66 -7.77 -24.07
N ARG A 217 -22.16 -6.74 -24.75
CA ARG A 217 -22.60 -6.94 -26.12
C ARG A 217 -21.42 -7.11 -27.08
N ASP A 218 -20.22 -6.68 -26.67
CA ASP A 218 -19.04 -6.88 -27.50
C ASP A 218 -18.59 -8.35 -27.47
N ASN A 219 -18.70 -8.99 -26.32
CA ASN A 219 -18.28 -10.38 -26.16
C ASN A 219 -19.29 -11.37 -26.69
N GLN A 220 -20.30 -10.92 -27.44
CA GLN A 220 -21.37 -11.76 -27.95
C GLN A 220 -22.06 -12.52 -26.82
N VAL A 221 -22.63 -11.75 -25.90
CA VAL A 221 -23.34 -12.27 -24.74
C VAL A 221 -24.77 -11.75 -24.79
N THR A 222 -25.73 -12.66 -24.66
CA THR A 222 -27.15 -12.31 -24.73
C THR A 222 -27.62 -11.90 -23.35
N TYR A 223 -27.90 -10.60 -23.19
CA TYR A 223 -28.37 -10.07 -21.91
C TYR A 223 -29.84 -9.70 -22.03
N LEU A 224 -30.65 -10.23 -21.12
CA LEU A 224 -32.07 -9.93 -21.05
C LEU A 224 -32.39 -9.45 -19.63
N ASN A 225 -32.86 -8.21 -19.51
CA ASN A 225 -33.21 -7.67 -18.21
C ASN A 225 -34.55 -8.25 -17.76
N ALA A 226 -34.50 -9.41 -17.11
CA ALA A 226 -35.73 -10.08 -16.69
C ALA A 226 -35.43 -11.01 -15.54
N LYS A 227 -36.43 -11.21 -14.69
CA LYS A 227 -36.29 -12.13 -13.56
C LYS A 227 -36.14 -13.56 -14.07
N GLY A 228 -35.28 -14.33 -13.41
CA GLY A 228 -35.07 -15.72 -13.75
C GLY A 228 -35.48 -16.62 -12.60
N ARG A 229 -36.03 -17.78 -12.93
CA ARG A 229 -36.43 -18.77 -11.93
C ARG A 229 -36.07 -20.14 -12.46
N LEU A 230 -35.12 -20.80 -11.81
CA LEU A 230 -34.62 -22.08 -12.29
C LEU A 230 -35.64 -23.17 -11.99
N ILE A 231 -35.98 -23.96 -13.01
CA ILE A 231 -36.98 -25.01 -12.91
C ILE A 231 -36.33 -26.37 -12.72
N SER A 232 -35.50 -26.78 -13.67
CA SER A 232 -34.77 -28.04 -13.66
C SER A 232 -33.28 -27.74 -13.72
N PRO A 233 -32.41 -28.75 -13.54
CA PRO A 233 -30.98 -28.50 -13.67
C PRO A 233 -30.55 -28.05 -15.06
N HIS A 234 -31.50 -27.90 -15.98
CA HIS A 234 -31.22 -27.42 -17.32
C HIS A 234 -32.18 -26.34 -17.81
N GLU A 235 -33.36 -26.26 -17.21
CA GLU A 235 -34.44 -25.39 -17.71
C GLU A 235 -34.72 -24.27 -16.72
N VAL A 236 -34.92 -23.05 -17.25
CA VAL A 236 -35.18 -21.88 -16.43
C VAL A 236 -36.28 -21.05 -17.09
N GLN A 237 -37.21 -20.54 -16.28
CA GLN A 237 -38.27 -19.68 -16.77
C GLN A 237 -37.90 -18.22 -16.56
N ILE A 238 -38.48 -17.37 -17.40
CA ILE A 238 -38.12 -15.96 -17.50
C ILE A 238 -39.36 -15.11 -17.33
N THR A 239 -39.27 -14.10 -16.47
CA THR A 239 -40.34 -13.13 -16.24
C THR A 239 -39.82 -11.77 -16.72
N ASP A 240 -40.28 -11.35 -17.89
CA ASP A 240 -39.85 -10.08 -18.44
C ASP A 240 -40.48 -8.91 -17.68
N LYS A 241 -39.86 -7.74 -17.82
CA LYS A 241 -40.42 -6.54 -17.21
C LYS A 241 -41.80 -6.22 -17.77
N ASN A 242 -42.09 -6.67 -18.99
CA ASN A 242 -43.42 -6.56 -19.58
C ASN A 242 -44.28 -7.78 -19.30
N GLN A 243 -43.94 -8.56 -18.27
CA GLN A 243 -44.69 -9.76 -17.90
C GLN A 243 -44.80 -10.75 -19.07
N LYS A 244 -43.72 -10.87 -19.83
CA LYS A 244 -43.65 -11.81 -20.95
C LYS A 244 -42.82 -13.01 -20.52
N VAL A 245 -43.51 -13.99 -19.93
CA VAL A 245 -42.82 -15.16 -19.39
C VAL A 245 -42.42 -16.09 -20.51
N SER A 246 -41.13 -16.45 -20.56
CA SER A 246 -40.63 -17.40 -21.54
C SER A 246 -39.89 -18.53 -20.82
N THR A 247 -39.24 -19.41 -21.58
CA THR A 247 -38.53 -20.54 -20.98
C THR A 247 -37.36 -20.93 -21.86
N ILE A 248 -36.18 -21.03 -21.24
CA ILE A 248 -34.94 -21.33 -21.94
C ILE A 248 -34.22 -22.46 -21.23
N THR A 249 -33.65 -23.38 -22.00
CA THR A 249 -32.89 -24.48 -21.46
C THR A 249 -31.39 -24.25 -21.67
N GLY A 250 -30.59 -24.87 -20.80
CA GLY A 250 -29.14 -24.75 -20.88
C GLY A 250 -28.44 -25.72 -19.97
N ASN A 251 -27.34 -26.32 -20.45
CA ASN A 251 -26.64 -27.32 -19.65
C ASN A 251 -25.98 -26.70 -18.44
N LYS A 252 -25.36 -25.53 -18.59
CA LYS A 252 -24.58 -24.91 -17.52
C LYS A 252 -25.34 -23.71 -16.96
N ILE A 253 -25.52 -23.70 -15.64
CA ILE A 253 -26.23 -22.64 -14.94
C ILE A 253 -25.36 -22.11 -13.82
N ILE A 254 -25.23 -20.78 -13.75
CA ILE A 254 -24.51 -20.10 -12.69
C ILE A 254 -25.50 -19.30 -11.88
N LEU A 255 -25.48 -19.48 -10.56
CA LEU A 255 -26.36 -18.77 -9.65
C LEU A 255 -25.62 -17.57 -9.08
N ALA A 256 -26.03 -16.37 -9.48
CA ALA A 256 -25.47 -15.12 -8.99
C ALA A 256 -26.58 -14.17 -8.58
N THR A 257 -27.56 -14.71 -7.83
CA THR A 257 -28.67 -13.87 -7.37
C THR A 257 -28.21 -12.79 -6.41
N GLY A 258 -26.98 -12.90 -5.91
CA GLY A 258 -26.43 -11.82 -5.10
C GLY A 258 -27.13 -11.75 -3.77
N GLU A 259 -27.58 -10.54 -3.41
CA GLU A 259 -28.02 -10.32 -2.05
C GLU A 259 -28.90 -9.07 -2.05
N ARG A 260 -29.80 -8.98 -1.07
CA ARG A 260 -30.71 -7.85 -0.94
C ARG A 260 -30.83 -7.44 0.53
N PRO A 261 -30.80 -6.14 0.82
CA PRO A 261 -30.74 -5.69 2.21
C PRO A 261 -31.94 -6.16 3.03
N LYS A 262 -31.68 -6.40 4.32
CA LYS A 262 -32.68 -6.89 5.25
C LYS A 262 -33.54 -5.75 5.78
N TYR A 263 -34.68 -6.12 6.35
CA TYR A 263 -35.57 -5.24 7.09
C TYR A 263 -35.82 -5.80 8.49
N PRO A 264 -36.01 -4.93 9.48
CA PRO A 264 -36.47 -5.41 10.79
C PRO A 264 -37.99 -5.48 10.85
N GLU A 265 -38.53 -6.60 11.31
CA GLU A 265 -39.97 -6.80 11.36
C GLU A 265 -40.55 -5.99 12.51
N ILE A 266 -40.64 -4.68 12.29
CA ILE A 266 -41.22 -3.77 13.25
C ILE A 266 -42.23 -2.89 12.51
N PRO A 267 -43.28 -2.40 13.18
CA PRO A 267 -44.30 -1.63 12.46
C PRO A 267 -43.75 -0.34 11.88
N GLY A 268 -44.07 -0.09 10.61
CA GLY A 268 -43.71 1.14 9.94
C GLY A 268 -42.34 1.15 9.30
N ALA A 269 -41.52 0.12 9.52
CA ALA A 269 -40.16 0.13 9.01
C ALA A 269 -40.14 0.10 7.48
N VAL A 270 -40.98 -0.74 6.87
CA VAL A 270 -40.92 -0.96 5.43
C VAL A 270 -41.39 0.28 4.68
N GLU A 271 -42.49 0.87 5.10
CA GLU A 271 -43.10 1.97 4.37
C GLU A 271 -42.50 3.33 4.72
N TYR A 272 -41.63 3.40 5.72
CA TYR A 272 -41.09 4.70 6.11
C TYR A 272 -39.57 4.73 6.10
N GLY A 273 -38.91 3.64 6.51
CA GLY A 273 -37.48 3.60 6.52
C GLY A 273 -36.89 3.36 5.15
N ILE A 274 -35.56 3.48 5.07
CA ILE A 274 -34.82 3.28 3.83
C ILE A 274 -33.57 2.46 4.14
N THR A 275 -32.94 1.97 3.07
CA THR A 275 -31.71 1.20 3.19
C THR A 275 -30.62 1.81 2.32
N SER A 276 -29.50 1.09 2.18
CA SER A 276 -28.42 1.57 1.33
C SER A 276 -28.90 1.75 -0.11
N ASP A 277 -29.87 0.94 -0.53
CA ASP A 277 -30.42 1.06 -1.88
C ASP A 277 -30.99 2.45 -2.12
N ASP A 278 -31.69 3.00 -1.13
CA ASP A 278 -32.27 4.32 -1.25
C ASP A 278 -31.27 5.42 -0.90
N LEU A 279 -30.30 5.11 -0.04
CA LEU A 279 -29.39 6.13 0.46
C LEU A 279 -28.54 6.73 -0.64
N PHE A 280 -28.09 5.91 -1.59
CA PHE A 280 -27.13 6.35 -2.60
C PHE A 280 -27.79 7.01 -3.80
N SER A 281 -29.11 7.15 -3.82
CA SER A 281 -29.78 7.79 -4.94
C SER A 281 -30.92 8.74 -4.54
N LEU A 282 -31.17 8.95 -3.26
CA LEU A 282 -32.25 9.83 -2.86
C LEU A 282 -31.87 11.29 -3.12
N PRO A 283 -32.83 12.11 -3.54
CA PRO A 283 -32.48 13.48 -3.96
C PRO A 283 -32.16 14.42 -2.81
N TYR A 284 -32.93 14.37 -1.72
CA TYR A 284 -32.80 15.34 -0.65
C TYR A 284 -31.57 15.01 0.20
N PHE A 285 -31.41 15.72 1.32
CA PHE A 285 -30.32 15.46 2.24
C PHE A 285 -30.86 14.92 3.54
N PRO A 286 -30.39 13.76 4.00
CA PRO A 286 -30.96 13.14 5.20
C PRO A 286 -30.85 14.01 6.45
N GLY A 287 -29.82 14.84 6.56
CA GLY A 287 -29.71 15.73 7.71
C GLY A 287 -29.55 14.95 9.00
N LYS A 288 -30.36 15.30 10.00
CA LYS A 288 -30.35 14.59 11.27
C LYS A 288 -30.85 13.17 11.04
N THR A 289 -29.93 12.22 11.05
CA THR A 289 -30.20 10.87 10.57
C THR A 289 -29.93 9.85 11.66
N LEU A 290 -30.77 8.83 11.72
CA LEU A 290 -30.57 7.69 12.60
C LEU A 290 -30.24 6.47 11.74
N VAL A 291 -29.24 5.70 12.19
CA VAL A 291 -28.79 4.50 11.49
C VAL A 291 -28.97 3.32 12.43
N ILE A 292 -29.58 2.25 11.93
CA ILE A 292 -29.89 1.07 12.72
C ILE A 292 -28.98 -0.07 12.26
N GLY A 293 -28.33 -0.71 13.21
CA GLY A 293 -27.43 -1.81 12.90
C GLY A 293 -25.98 -1.40 13.03
N ALA A 294 -25.14 -2.38 13.36
CA ALA A 294 -23.72 -2.14 13.60
C ALA A 294 -22.83 -2.80 12.55
N SER A 295 -23.39 -3.22 11.41
CA SER A 295 -22.56 -3.77 10.35
C SER A 295 -21.66 -2.67 9.78
N TYR A 296 -20.56 -3.10 9.16
CA TYR A 296 -19.56 -2.14 8.67
C TYR A 296 -20.17 -1.17 7.66
N VAL A 297 -21.15 -1.63 6.87
CA VAL A 297 -21.81 -0.74 5.92
C VAL A 297 -22.52 0.39 6.66
N ALA A 298 -23.22 0.07 7.75
CA ALA A 298 -23.90 1.10 8.52
C ALA A 298 -22.90 2.11 9.09
N LEU A 299 -21.78 1.60 9.62
CA LEU A 299 -20.79 2.49 10.21
C LEU A 299 -20.20 3.44 9.17
N GLU A 300 -19.80 2.92 8.02
CA GLU A 300 -19.22 3.81 7.02
C GLU A 300 -20.25 4.77 6.44
N CYS A 301 -21.50 4.31 6.28
CA CYS A 301 -22.56 5.20 5.81
C CYS A 301 -22.76 6.36 6.78
N ALA A 302 -22.89 6.05 8.07
CA ALA A 302 -23.01 7.11 9.06
C ALA A 302 -21.76 7.99 9.06
N GLY A 303 -20.60 7.40 8.79
CA GLY A 303 -19.38 8.18 8.77
C GLY A 303 -19.39 9.26 7.70
N PHE A 304 -19.70 8.89 6.47
CA PHE A 304 -19.66 9.95 5.45
C PHE A 304 -20.94 10.77 5.41
N LEU A 305 -22.01 10.36 6.09
CA LEU A 305 -23.10 11.31 6.30
C LEU A 305 -22.75 12.35 7.36
N ALA A 306 -22.05 11.94 8.42
CA ALA A 306 -21.65 12.89 9.45
C ALA A 306 -20.57 13.84 8.93
N SER A 307 -19.62 13.32 8.17
CA SER A 307 -18.53 14.15 7.66
C SER A 307 -19.02 15.20 6.66
N LEU A 308 -20.25 15.07 6.15
CA LEU A 308 -20.79 16.00 5.17
C LEU A 308 -21.74 17.01 5.78
N GLY A 309 -21.55 17.36 7.05
CA GLY A 309 -22.37 18.36 7.72
C GLY A 309 -23.50 17.80 8.55
N GLY A 310 -23.86 16.53 8.36
CA GLY A 310 -24.92 15.94 9.15
C GLY A 310 -24.49 15.58 10.55
N ASP A 311 -25.49 15.30 11.38
CA ASP A 311 -25.29 14.87 12.77
C ASP A 311 -26.04 13.55 12.94
N VAL A 312 -25.31 12.45 12.77
CA VAL A 312 -25.93 11.12 12.72
C VAL A 312 -25.79 10.45 14.08
N THR A 313 -26.76 9.60 14.38
CA THR A 313 -26.79 8.79 15.60
C THR A 313 -26.76 7.33 15.19
N VAL A 314 -25.61 6.69 15.35
CA VAL A 314 -25.51 5.25 15.16
C VAL A 314 -26.14 4.57 16.36
N MET A 315 -27.03 3.62 16.11
CA MET A 315 -27.75 2.92 17.16
C MET A 315 -27.28 1.46 17.17
N VAL A 316 -26.19 1.21 17.88
CA VAL A 316 -25.58 -0.11 17.92
C VAL A 316 -26.41 -1.02 18.81
N ARG A 317 -26.66 -2.24 18.34
CA ARG A 317 -27.43 -3.19 19.14
C ARG A 317 -26.56 -3.88 20.17
N SER A 318 -25.55 -4.63 19.72
CA SER A 318 -24.69 -5.37 20.64
C SER A 318 -23.25 -4.87 20.63
N ILE A 319 -22.58 -4.91 19.48
CA ILE A 319 -21.16 -4.55 19.40
C ILE A 319 -20.89 -3.90 18.05
N LEU A 320 -19.93 -2.99 18.04
CA LEU A 320 -19.52 -2.34 16.80
C LEU A 320 -18.72 -3.30 15.93
N LEU A 321 -19.06 -3.36 14.64
CA LEU A 321 -18.34 -4.17 13.66
C LEU A 321 -18.22 -5.62 14.12
N ARG A 322 -19.37 -6.27 14.26
CA ARG A 322 -19.40 -7.66 14.66
C ARG A 322 -18.64 -8.51 13.64
N GLY A 323 -17.78 -9.39 14.13
CA GLY A 323 -16.94 -10.22 13.29
C GLY A 323 -15.54 -9.69 13.07
N PHE A 324 -15.32 -8.40 13.30
CA PHE A 324 -14.01 -7.79 13.13
C PHE A 324 -13.25 -7.83 14.45
N ASP A 325 -12.03 -7.27 14.44
CA ASP A 325 -11.29 -7.11 15.68
C ASP A 325 -11.96 -6.06 16.56
N GLN A 326 -12.14 -6.38 17.83
CA GLN A 326 -12.87 -5.50 18.72
C GLN A 326 -12.07 -4.27 19.12
N GLN A 327 -10.74 -4.38 19.22
CA GLN A 327 -9.93 -3.25 19.64
C GLN A 327 -10.01 -2.10 18.63
N MET A 328 -9.76 -2.40 17.36
CA MET A 328 -9.85 -1.34 16.36
C MET A 328 -11.30 -0.97 16.05
N ALA A 329 -12.25 -1.87 16.31
CA ALA A 329 -13.65 -1.45 16.24
C ALA A 329 -13.95 -0.37 17.27
N GLU A 330 -13.45 -0.55 18.49
CA GLU A 330 -13.61 0.46 19.53
C GLU A 330 -12.88 1.74 19.14
N LYS A 331 -11.68 1.62 18.57
CA LYS A 331 -10.93 2.80 18.15
C LYS A 331 -11.69 3.58 17.07
N VAL A 332 -12.27 2.86 16.10
CA VAL A 332 -13.05 3.50 15.05
C VAL A 332 -14.26 4.19 15.65
N GLY A 333 -14.96 3.53 16.56
CA GLY A 333 -16.10 4.16 17.22
C GLY A 333 -15.71 5.42 17.97
N ASP A 334 -14.56 5.39 18.65
CA ASP A 334 -14.08 6.57 19.34
C ASP A 334 -13.81 7.70 18.35
N TYR A 335 -13.20 7.38 17.20
CA TYR A 335 -12.93 8.41 16.21
C TYR A 335 -14.21 9.02 15.67
N MET A 336 -15.23 8.18 15.42
CA MET A 336 -16.51 8.72 14.99
C MET A 336 -17.11 9.62 16.07
N GLU A 337 -17.02 9.20 17.34
CA GLU A 337 -17.55 10.02 18.42
C GLU A 337 -16.84 11.37 18.48
N ASN A 338 -15.54 11.39 18.21
CA ASN A 338 -14.77 12.63 18.31
C ASN A 338 -15.20 13.63 17.24
N HIS A 339 -15.56 13.14 16.05
CA HIS A 339 -15.91 14.01 14.93
C HIS A 339 -17.41 14.19 14.76
N GLY A 340 -18.20 13.92 15.79
CA GLY A 340 -19.62 14.22 15.74
C GLY A 340 -20.52 13.10 15.26
N VAL A 341 -20.38 11.92 15.87
CA VAL A 341 -21.28 10.80 15.63
C VAL A 341 -21.77 10.31 16.98
N LYS A 342 -23.08 10.33 17.20
CA LYS A 342 -23.65 9.96 18.49
C LYS A 342 -23.94 8.47 18.50
N PHE A 343 -23.24 7.72 19.33
CA PHE A 343 -23.34 6.27 19.37
C PHE A 343 -24.36 5.86 20.43
N ALA A 344 -25.48 5.29 19.99
CA ALA A 344 -26.50 4.78 20.89
C ALA A 344 -26.32 3.27 21.08
N LYS A 345 -25.22 2.93 21.75
CA LYS A 345 -24.86 1.54 21.96
C LYS A 345 -25.82 0.87 22.95
N LEU A 346 -25.89 -0.46 22.85
CA LEU A 346 -26.69 -1.28 23.76
C LEU A 346 -28.15 -0.87 23.76
N CYS A 347 -28.69 -0.60 22.57
CA CYS A 347 -30.10 -0.25 22.42
C CYS A 347 -30.70 -1.03 21.26
N VAL A 348 -31.99 -1.33 21.38
CA VAL A 348 -32.70 -2.16 20.40
C VAL A 348 -33.91 -1.37 19.90
N PRO A 349 -34.14 -1.29 18.59
CA PRO A 349 -35.28 -0.52 18.09
C PRO A 349 -36.59 -1.24 18.37
N ASP A 350 -37.65 -0.44 18.52
CA ASP A 350 -38.99 -0.98 18.76
C ASP A 350 -39.97 -0.64 17.65
N GLU A 351 -40.11 0.64 17.30
CA GLU A 351 -41.06 1.02 16.26
C GLU A 351 -40.76 2.43 15.78
N ILE A 352 -41.31 2.76 14.62
CA ILE A 352 -41.17 4.08 14.02
C ILE A 352 -42.53 4.56 13.52
N LYS A 353 -42.69 5.87 13.49
CA LYS A 353 -43.89 6.52 12.95
C LYS A 353 -43.47 7.74 12.15
N GLN A 354 -44.41 8.28 11.38
CA GLN A 354 -44.19 9.49 10.60
C GLN A 354 -44.93 10.66 11.24
N LEU A 355 -44.23 11.78 11.39
CA LEU A 355 -44.81 13.01 11.91
C LEU A 355 -45.14 14.00 10.81
N LYS A 356 -44.17 14.32 9.96
CA LYS A 356 -44.40 15.19 8.81
C LYS A 356 -44.17 14.40 7.54
N VAL A 357 -45.08 14.54 6.58
CA VAL A 357 -44.99 13.78 5.34
C VAL A 357 -43.77 14.22 4.55
N VAL A 358 -43.30 13.33 3.67
CA VAL A 358 -42.15 13.65 2.84
C VAL A 358 -42.48 14.83 1.92
N ASP A 359 -41.44 15.56 1.53
CA ASP A 359 -41.61 16.80 0.77
C ASP A 359 -40.90 16.70 -0.58
N THR A 360 -41.15 15.62 -1.31
CA THR A 360 -40.49 15.43 -2.61
C THR A 360 -40.73 16.59 -3.55
N GLU A 361 -41.88 17.27 -3.45
CA GLU A 361 -42.11 18.45 -4.25
C GLU A 361 -41.12 19.56 -3.91
N ASN A 362 -40.79 19.71 -2.62
CA ASN A 362 -39.79 20.65 -2.16
C ASN A 362 -38.42 20.00 -2.00
N ASN A 363 -38.31 18.71 -2.27
CA ASN A 363 -37.05 17.97 -2.14
C ASN A 363 -36.48 18.07 -0.71
N LYS A 364 -37.37 17.88 0.26
CA LYS A 364 -36.99 17.91 1.67
C LYS A 364 -37.37 16.61 2.35
N PRO A 365 -36.53 16.08 3.23
CA PRO A 365 -36.87 14.84 3.93
C PRO A 365 -38.00 15.04 4.92
N GLY A 366 -38.73 13.97 5.18
CA GLY A 366 -39.79 13.99 6.16
C GLY A 366 -39.26 13.87 7.58
N LEU A 367 -40.19 13.84 8.52
CA LEU A 367 -39.87 13.70 9.95
C LEU A 367 -40.41 12.38 10.45
N LEU A 368 -39.59 11.65 11.19
CA LEU A 368 -39.93 10.31 11.67
C LEU A 368 -39.59 10.20 13.15
N LEU A 369 -40.53 9.68 13.92
CA LEU A 369 -40.37 9.44 15.35
C LEU A 369 -39.95 8.00 15.59
N VAL A 370 -38.91 7.81 16.40
CA VAL A 370 -38.35 6.50 16.67
C VAL A 370 -38.52 6.20 18.16
N LYS A 371 -39.07 5.02 18.46
CA LYS A 371 -39.21 4.49 19.80
C LYS A 371 -38.38 3.20 19.89
N GLY A 372 -37.57 3.09 20.95
CA GLY A 372 -36.74 1.92 21.14
C GLY A 372 -36.53 1.66 22.62
N HIS A 373 -35.75 0.62 22.91
CA HIS A 373 -35.42 0.27 24.28
C HIS A 373 -33.99 -0.24 24.35
N TYR A 374 -33.32 0.09 25.45
CA TYR A 374 -31.95 -0.35 25.67
C TYR A 374 -31.97 -1.77 26.26
N THR A 375 -30.82 -2.23 26.73
CA THR A 375 -30.76 -3.56 27.35
C THR A 375 -31.56 -3.59 28.66
N ASP A 376 -31.75 -2.44 29.30
CA ASP A 376 -32.55 -2.36 30.52
C ASP A 376 -34.00 -2.00 30.24
N GLY A 377 -34.35 -1.74 28.98
CA GLY A 377 -35.73 -1.48 28.61
C GLY A 377 -36.21 -0.06 28.77
N LYS A 378 -35.31 0.90 29.01
CA LYS A 378 -35.74 2.29 29.11
C LYS A 378 -36.27 2.77 27.77
N LYS A 379 -37.33 3.59 27.82
CA LYS A 379 -38.04 4.02 26.62
C LYS A 379 -37.24 5.10 25.92
N PHE A 380 -36.35 4.66 25.03
CA PHE A 380 -35.63 5.61 24.18
C PHE A 380 -36.58 6.24 23.17
N GLU A 381 -36.57 7.57 23.10
CA GLU A 381 -37.47 8.31 22.24
C GLU A 381 -36.68 9.37 21.50
N GLU A 382 -36.88 9.48 20.18
CA GLU A 382 -36.24 10.57 19.47
C GLU A 382 -36.95 10.84 18.15
N GLU A 383 -36.54 11.92 17.50
CA GLU A 383 -37.06 12.34 16.20
C GLU A 383 -35.91 12.54 15.24
N PHE A 384 -36.07 12.08 14.00
CA PHE A 384 -35.02 12.18 13.00
C PHE A 384 -35.63 12.53 11.65
N GLU A 385 -34.83 13.22 10.83
CA GLU A 385 -35.26 13.55 9.48
C GLU A 385 -35.12 12.39 8.52
N THR A 386 -34.40 11.34 8.90
CA THR A 386 -34.23 10.15 8.07
C THR A 386 -33.79 9.00 8.95
N VAL A 387 -34.31 7.81 8.64
CA VAL A 387 -33.95 6.58 9.34
C VAL A 387 -33.47 5.57 8.30
N ILE A 388 -32.28 5.01 8.53
CA ILE A 388 -31.66 4.06 7.62
C ILE A 388 -31.54 2.73 8.33
N PHE A 389 -31.94 1.65 7.66
CA PHE A 389 -31.96 0.31 8.25
C PHE A 389 -30.92 -0.55 7.54
N ALA A 390 -29.68 -0.47 8.04
CA ALA A 390 -28.64 -1.43 7.65
C ALA A 390 -28.53 -2.54 8.69
N VAL A 391 -29.68 -3.16 9.01
CA VAL A 391 -29.73 -4.18 10.05
C VAL A 391 -29.05 -5.46 9.65
N GLY A 392 -28.78 -5.64 8.37
CA GLY A 392 -28.22 -6.87 7.87
C GLY A 392 -28.65 -7.09 6.44
N ARG A 393 -28.40 -8.29 5.94
CA ARG A 393 -28.70 -8.61 4.55
C ARG A 393 -29.14 -10.07 4.44
N GLU A 394 -30.22 -10.31 3.71
CA GLU A 394 -30.77 -11.64 3.50
C GLU A 394 -30.94 -11.94 2.02
N PRO A 395 -30.64 -13.16 1.59
CA PRO A 395 -30.78 -13.51 0.18
C PRO A 395 -32.13 -14.15 -0.15
N GLN A 396 -32.71 -13.78 -1.28
CA GLN A 396 -34.01 -14.29 -1.70
C GLN A 396 -33.87 -15.45 -2.67
N LEU A 397 -33.18 -16.51 -2.22
CA LEU A 397 -33.04 -17.71 -3.03
C LEU A 397 -34.33 -18.52 -3.09
N SER A 398 -35.30 -18.23 -2.21
CA SER A 398 -36.55 -18.96 -2.24
C SER A 398 -37.30 -18.76 -3.54
N LYS A 399 -37.30 -17.53 -4.05
CA LYS A 399 -38.08 -17.17 -5.23
C LYS A 399 -37.30 -17.36 -6.54
N VAL A 400 -36.17 -18.06 -6.48
CA VAL A 400 -35.41 -18.35 -7.70
C VAL A 400 -35.21 -19.85 -7.83
N LEU A 401 -35.22 -20.56 -6.71
CA LEU A 401 -35.11 -22.01 -6.67
C LEU A 401 -36.17 -22.56 -5.74
N CYS A 402 -37.13 -23.30 -6.29
CA CYS A 402 -38.20 -23.84 -5.46
C CYS A 402 -37.77 -25.11 -4.73
N GLU A 403 -37.53 -26.20 -5.48
CA GLU A 403 -37.08 -27.44 -4.86
C GLU A 403 -36.06 -28.20 -5.70
N THR A 404 -35.47 -27.58 -6.73
CA THR A 404 -34.62 -28.33 -7.65
C THR A 404 -33.31 -28.76 -7.00
N VAL A 405 -32.68 -27.86 -6.24
CA VAL A 405 -31.38 -28.11 -5.64
C VAL A 405 -31.53 -28.10 -4.12
N GLY A 406 -30.94 -29.09 -3.46
CA GLY A 406 -30.92 -29.12 -2.02
C GLY A 406 -29.84 -28.22 -1.46
N VAL A 407 -30.25 -27.10 -0.87
CA VAL A 407 -29.31 -26.09 -0.37
C VAL A 407 -29.66 -25.81 1.09
N LYS A 408 -28.79 -26.24 2.00
CA LYS A 408 -28.97 -25.94 3.41
C LYS A 408 -28.68 -24.47 3.68
N LEU A 409 -29.52 -23.85 4.50
CA LEU A 409 -29.38 -22.42 4.78
C LEU A 409 -29.67 -22.16 6.25
N ASP A 410 -28.80 -21.40 6.89
CA ASP A 410 -29.03 -20.90 8.24
C ASP A 410 -29.48 -19.44 8.15
N LYS A 411 -29.58 -18.78 9.31
CA LYS A 411 -29.85 -17.36 9.32
C LYS A 411 -28.74 -16.61 8.58
N ASN A 412 -29.12 -15.72 7.67
CA ASN A 412 -28.25 -14.98 6.77
C ASN A 412 -27.55 -15.86 5.76
N GLY A 413 -27.78 -17.17 5.78
CA GLY A 413 -27.22 -18.08 4.80
C GLY A 413 -28.26 -18.54 3.81
N ARG A 414 -27.80 -18.96 2.64
CA ARG A 414 -28.73 -19.35 1.58
C ARG A 414 -28.49 -20.75 1.02
N VAL A 415 -27.24 -21.15 0.82
CA VAL A 415 -26.92 -22.42 0.18
C VAL A 415 -25.78 -23.09 0.92
N VAL A 416 -25.58 -24.37 0.62
CA VAL A 416 -24.40 -25.11 1.04
C VAL A 416 -23.62 -25.53 -0.19
N CYS A 417 -22.32 -25.24 -0.20
CA CYS A 417 -21.50 -25.43 -1.39
C CYS A 417 -20.14 -25.97 -0.98
N THR A 418 -19.63 -26.88 -1.80
CA THR A 418 -18.34 -27.51 -1.57
C THR A 418 -17.26 -26.76 -2.33
N ASP A 419 -16.06 -27.34 -2.38
CA ASP A 419 -14.97 -26.75 -3.14
C ASP A 419 -15.32 -26.73 -4.63
N ASP A 420 -14.57 -25.91 -5.38
CA ASP A 420 -14.83 -25.68 -6.80
C ASP A 420 -16.26 -25.18 -7.01
N GLU A 421 -16.75 -24.35 -6.09
CA GLU A 421 -18.07 -23.71 -6.15
C GLU A 421 -19.15 -24.62 -6.71
N GLN A 422 -19.13 -25.90 -6.34
CA GLN A 422 -20.05 -26.89 -6.87
C GLN A 422 -21.12 -27.20 -5.84
N THR A 423 -22.39 -27.13 -6.26
CA THR A 423 -23.50 -27.47 -5.40
C THR A 423 -23.83 -28.97 -5.54
N THR A 424 -24.97 -29.37 -4.98
CA THR A 424 -25.40 -30.75 -5.10
C THR A 424 -25.66 -31.14 -6.55
N VAL A 425 -26.28 -30.23 -7.31
CA VAL A 425 -26.49 -30.48 -8.72
C VAL A 425 -25.18 -30.34 -9.47
N SER A 426 -24.88 -31.32 -10.34
CA SER A 426 -23.59 -31.35 -11.02
C SER A 426 -23.40 -30.16 -11.95
N ASN A 427 -24.44 -29.76 -12.67
CA ASN A 427 -24.33 -28.73 -13.69
C ASN A 427 -24.83 -27.36 -13.23
N VAL A 428 -24.91 -27.15 -11.92
CA VAL A 428 -25.30 -25.86 -11.36
C VAL A 428 -24.16 -25.36 -10.48
N TYR A 429 -23.80 -24.08 -10.66
CA TYR A 429 -22.66 -23.51 -9.98
C TYR A 429 -23.05 -22.19 -9.35
N ALA A 430 -22.58 -21.95 -8.12
CA ALA A 430 -22.91 -20.75 -7.36
C ALA A 430 -21.63 -19.98 -7.07
N ILE A 431 -21.64 -18.69 -7.40
CA ILE A 431 -20.50 -17.81 -7.19
C ILE A 431 -20.98 -16.53 -6.49
N GLY A 432 -20.02 -15.69 -6.11
CA GLY A 432 -20.33 -14.41 -5.53
C GLY A 432 -20.65 -14.48 -4.06
N ASP A 433 -21.66 -13.72 -3.63
CA ASP A 433 -22.11 -13.76 -2.25
C ASP A 433 -22.87 -15.03 -1.91
N ILE A 434 -23.24 -15.81 -2.92
CA ILE A 434 -24.17 -16.93 -2.71
C ILE A 434 -23.56 -17.97 -1.79
N ASN A 435 -22.30 -18.31 -2.02
CA ASN A 435 -21.65 -19.36 -1.23
C ASN A 435 -21.60 -18.98 0.24
N ALA A 436 -21.99 -19.92 1.09
CA ALA A 436 -21.95 -19.70 2.52
C ALA A 436 -20.60 -20.12 3.11
N GLY A 437 -20.20 -19.43 4.18
CA GLY A 437 -18.93 -19.71 4.80
C GLY A 437 -17.74 -19.19 4.03
N LYS A 438 -17.96 -18.35 3.02
CA LYS A 438 -16.90 -17.76 2.23
C LYS A 438 -17.17 -16.27 2.07
N PRO A 439 -16.12 -15.46 1.93
CA PRO A 439 -16.28 -14.00 2.07
C PRO A 439 -17.23 -13.40 1.04
N GLN A 440 -17.99 -12.40 1.49
CA GLN A 440 -18.91 -11.67 0.63
C GLN A 440 -18.26 -10.37 0.16
N LEU A 441 -17.29 -10.52 -0.73
CA LEU A 441 -16.53 -9.40 -1.25
C LEU A 441 -16.66 -9.37 -2.77
N THR A 442 -16.28 -8.24 -3.36
CA THR A 442 -16.37 -8.08 -4.80
C THR A 442 -15.24 -8.80 -5.54
N PRO A 443 -13.96 -8.54 -5.21
CA PRO A 443 -12.90 -9.22 -5.97
C PRO A 443 -12.95 -10.73 -5.85
N VAL A 444 -13.38 -11.25 -4.71
CA VAL A 444 -13.49 -12.70 -4.58
C VAL A 444 -14.59 -13.23 -5.49
N ALA A 445 -15.69 -12.48 -5.63
CA ALA A 445 -16.74 -12.88 -6.55
C ALA A 445 -16.24 -12.88 -7.99
N ILE A 446 -15.49 -11.84 -8.37
CA ILE A 446 -14.97 -11.76 -9.72
C ILE A 446 -14.01 -12.92 -9.99
N GLN A 447 -13.12 -13.19 -9.03
CA GLN A 447 -12.17 -14.29 -9.20
C GLN A 447 -12.89 -15.63 -9.28
N ALA A 448 -13.91 -15.83 -8.45
CA ALA A 448 -14.66 -17.08 -8.49
C ALA A 448 -15.32 -17.27 -9.84
N GLY A 449 -15.95 -16.21 -10.37
CA GLY A 449 -16.58 -16.33 -11.68
C GLY A 449 -15.59 -16.63 -12.78
N ARG A 450 -14.47 -15.89 -12.80
CA ARG A 450 -13.46 -16.08 -13.83
C ARG A 450 -12.88 -17.49 -13.77
N TYR A 451 -12.55 -17.97 -12.57
CA TYR A 451 -11.96 -19.29 -12.44
C TYR A 451 -12.98 -20.39 -12.73
N LEU A 452 -14.26 -20.15 -12.43
CA LEU A 452 -15.28 -21.12 -12.79
C LEU A 452 -15.38 -21.25 -14.30
N ALA A 453 -15.37 -20.12 -15.01
CA ALA A 453 -15.39 -20.19 -16.47
C ALA A 453 -14.15 -20.86 -17.01
N ARG A 454 -12.98 -20.59 -16.40
CA ARG A 454 -11.74 -21.23 -16.83
C ARG A 454 -11.80 -22.74 -16.63
N ARG A 455 -12.33 -23.19 -15.50
CA ARG A 455 -12.38 -24.62 -15.23
C ARG A 455 -13.42 -25.32 -16.09
N LEU A 456 -14.51 -24.64 -16.44
CA LEU A 456 -15.56 -25.28 -17.23
C LEU A 456 -15.21 -25.27 -18.72
N PHE A 457 -15.06 -24.08 -19.30
CA PHE A 457 -14.99 -23.95 -20.75
C PHE A 457 -13.56 -23.77 -21.26
N ALA A 458 -12.56 -23.97 -20.41
CA ALA A 458 -11.17 -23.89 -20.84
C ALA A 458 -10.30 -25.02 -20.33
N GLY A 459 -10.78 -25.88 -19.44
CA GLY A 459 -9.99 -26.98 -18.93
C GLY A 459 -9.01 -26.62 -17.85
N ALA A 460 -9.10 -25.42 -17.29
CA ALA A 460 -8.19 -25.02 -16.23
C ALA A 460 -8.41 -25.86 -14.97
N THR A 461 -7.34 -25.99 -14.18
CA THR A 461 -7.41 -26.73 -12.93
C THR A 461 -7.23 -25.87 -11.69
N GLU A 462 -6.84 -24.61 -11.84
CA GLU A 462 -6.66 -23.74 -10.68
C GLU A 462 -8.00 -23.42 -10.04
N LEU A 463 -8.02 -23.43 -8.71
CA LEU A 463 -9.22 -23.18 -7.93
C LEU A 463 -9.08 -21.87 -7.18
N THR A 464 -10.13 -21.04 -7.23
CA THR A 464 -10.06 -19.71 -6.65
C THR A 464 -9.94 -19.77 -5.14
N ASP A 465 -9.11 -18.88 -4.59
CA ASP A 465 -8.85 -18.87 -3.16
C ASP A 465 -9.95 -18.13 -2.40
N TYR A 466 -10.05 -18.43 -1.11
CA TYR A 466 -11.00 -17.76 -0.24
C TYR A 466 -10.41 -17.45 1.13
N SER A 467 -9.13 -17.73 1.35
CA SER A 467 -8.48 -17.52 2.64
C SER A 467 -7.62 -16.27 2.60
N ASN A 468 -7.46 -15.64 3.76
CA ASN A 468 -6.68 -14.41 3.90
C ASN A 468 -7.16 -13.33 2.94
N VAL A 469 -8.48 -13.20 2.82
CA VAL A 469 -9.08 -12.19 1.95
C VAL A 469 -9.01 -10.85 2.68
N ALA A 470 -8.21 -9.93 2.15
CA ALA A 470 -8.07 -8.61 2.77
C ALA A 470 -9.33 -7.78 2.53
N THR A 471 -9.75 -7.08 3.57
CA THR A 471 -10.89 -6.18 3.48
C THR A 471 -10.51 -4.82 4.02
N THR A 472 -11.26 -3.81 3.60
CA THR A 472 -11.10 -2.45 4.07
C THR A 472 -12.47 -1.81 4.22
N VAL A 473 -12.75 -1.24 5.38
CA VAL A 473 -13.97 -0.49 5.62
C VAL A 473 -13.63 0.99 5.53
N PHE A 474 -14.45 1.72 4.78
CA PHE A 474 -14.19 3.11 4.42
C PHE A 474 -14.84 4.09 5.38
N THR A 475 -14.56 3.93 6.68
CA THR A 475 -14.95 4.90 7.68
C THR A 475 -14.23 6.22 7.39
N PRO A 476 -14.58 7.32 8.10
CA PRO A 476 -13.85 8.58 7.91
C PRO A 476 -12.34 8.42 7.92
N LEU A 477 -11.83 7.55 8.79
CA LEU A 477 -10.48 7.04 8.67
C LEU A 477 -10.57 5.53 8.44
N GLU A 478 -9.95 5.07 7.35
CA GLU A 478 -10.21 3.71 6.88
C GLU A 478 -9.60 2.68 7.81
N TYR A 479 -10.17 1.47 7.78
CA TYR A 479 -9.65 0.35 8.55
C TYR A 479 -9.45 -0.84 7.62
N GLY A 480 -8.20 -1.26 7.44
CA GLY A 480 -7.91 -2.36 6.54
C GLY A 480 -7.24 -3.54 7.21
N ALA A 481 -7.83 -4.72 7.12
CA ALA A 481 -7.33 -5.90 7.81
C ALA A 481 -7.24 -7.08 6.85
N CYS A 482 -6.30 -7.97 7.14
CA CYS A 482 -6.12 -9.19 6.35
C CYS A 482 -5.64 -10.30 7.28
N GLY A 483 -6.41 -11.39 7.35
CA GLY A 483 -6.00 -12.53 8.16
C GLY A 483 -6.95 -12.87 9.27
N LEU A 484 -6.50 -12.74 10.52
CA LEU A 484 -7.27 -13.10 11.69
C LEU A 484 -7.23 -11.98 12.73
N SER A 485 -8.25 -11.92 13.56
CA SER A 485 -8.29 -10.93 14.64
C SER A 485 -7.42 -11.40 15.79
N GLU A 486 -7.27 -10.54 16.79
CA GLU A 486 -6.56 -10.92 18.01
C GLU A 486 -7.32 -12.01 18.75
N GLU A 487 -8.62 -11.80 19.00
CA GLU A 487 -9.42 -12.76 19.74
C GLU A 487 -9.51 -14.09 18.99
N ASP A 488 -9.64 -14.04 17.67
CA ASP A 488 -9.69 -15.28 16.89
C ASP A 488 -8.38 -16.06 17.03
N ALA A 489 -7.25 -15.38 16.96
CA ALA A 489 -5.97 -16.05 17.10
C ALA A 489 -5.80 -16.65 18.49
N ILE A 490 -6.19 -15.89 19.53
CA ILE A 490 -6.08 -16.41 20.89
C ILE A 490 -6.97 -17.63 21.06
N GLU A 491 -8.19 -17.59 20.53
CA GLU A 491 -9.10 -18.72 20.65
C GLU A 491 -8.57 -19.94 19.90
N LYS A 492 -7.99 -19.73 18.72
CA LYS A 492 -7.59 -20.87 17.90
C LYS A 492 -6.26 -21.46 18.35
N TYR A 493 -5.20 -20.66 18.31
CA TYR A 493 -3.85 -21.17 18.59
C TYR A 493 -3.46 -21.05 20.06
N GLY A 494 -4.29 -20.47 20.89
CA GLY A 494 -3.95 -20.35 22.30
C GLY A 494 -3.35 -19.00 22.65
N ASP A 495 -3.54 -18.61 23.91
CA ASP A 495 -3.08 -17.30 24.36
C ASP A 495 -1.55 -17.20 24.32
N LYS A 496 -0.86 -18.26 24.74
CA LYS A 496 0.59 -18.20 24.83
C LYS A 496 1.29 -18.38 23.48
N ASP A 497 0.58 -18.86 22.47
CA ASP A 497 1.18 -19.12 21.16
C ASP A 497 1.00 -17.97 20.18
N ILE A 498 0.43 -16.85 20.62
CA ILE A 498 0.16 -15.70 19.75
C ILE A 498 0.89 -14.49 20.30
N GLU A 499 1.71 -13.87 19.45
CA GLU A 499 2.44 -12.65 19.79
C GLU A 499 1.98 -11.51 18.90
N VAL A 500 1.70 -10.36 19.51
CA VAL A 500 1.12 -9.22 18.82
C VAL A 500 2.13 -8.09 18.84
N TYR A 501 2.46 -7.57 17.64
CA TYR A 501 3.28 -6.38 17.51
C TYR A 501 2.39 -5.21 17.16
N HIS A 502 2.43 -4.16 17.98
CA HIS A 502 1.47 -3.07 17.89
C HIS A 502 2.18 -1.74 18.00
N SER A 503 1.54 -0.71 17.46
CA SER A 503 2.10 0.64 17.46
C SER A 503 1.02 1.66 17.16
N ASN A 504 1.30 2.91 17.49
CA ASN A 504 0.49 4.05 17.09
C ASN A 504 1.37 5.05 16.36
N PHE A 505 0.90 5.53 15.21
CA PHE A 505 1.69 6.41 14.39
C PHE A 505 0.87 7.63 13.98
N LYS A 506 1.56 8.76 13.81
CA LYS A 506 0.94 9.98 13.31
C LYS A 506 1.42 10.22 11.89
N PRO A 507 0.54 10.19 10.89
CA PRO A 507 0.98 10.42 9.51
C PRO A 507 1.58 11.79 9.34
N LEU A 508 2.56 11.88 8.43
CA LEU A 508 3.22 13.15 8.16
C LEU A 508 2.25 14.20 7.64
N GLU A 509 1.11 13.77 7.10
CA GLU A 509 0.08 14.69 6.64
C GLU A 509 -0.72 15.30 7.78
N TRP A 510 -0.53 14.84 9.01
CA TRP A 510 -1.30 15.31 10.15
C TRP A 510 -0.48 16.18 11.10
N THR A 511 0.75 16.55 10.73
CA THR A 511 1.61 17.29 11.63
C THR A 511 1.25 18.78 11.65
N VAL A 512 1.38 19.45 10.50
CA VAL A 512 1.07 20.87 10.44
C VAL A 512 -0.44 21.09 10.53
N ALA A 513 -1.23 20.11 10.08
CA ALA A 513 -2.68 20.22 10.17
C ALA A 513 -3.21 20.19 11.59
N HIS A 514 -2.36 19.81 12.56
CA HIS A 514 -2.74 19.75 13.97
C HIS A 514 -3.92 18.81 14.21
N ARG A 515 -3.97 17.70 13.47
CA ARG A 515 -4.98 16.68 13.70
C ARG A 515 -4.59 15.84 14.91
N GLU A 516 -5.41 14.83 15.20
CA GLU A 516 -5.19 13.98 16.37
C GLU A 516 -3.93 13.14 16.20
N ASP A 517 -3.17 13.01 17.28
CA ASP A 517 -1.94 12.25 17.30
C ASP A 517 -2.14 10.94 18.05
N ASN A 518 -1.33 9.94 17.68
CA ASN A 518 -1.35 8.62 18.32
C ASN A 518 -2.74 7.97 18.25
N VAL A 519 -3.47 8.24 17.17
CA VAL A 519 -4.77 7.63 16.95
C VAL A 519 -4.70 6.54 15.90
N CYS A 520 -3.91 6.75 14.84
CA CYS A 520 -3.74 5.74 13.80
C CYS A 520 -3.03 4.53 14.40
N TYR A 521 -3.78 3.47 14.63
CA TYR A 521 -3.29 2.29 15.33
C TYR A 521 -2.78 1.26 14.32
N MET A 522 -2.07 0.26 14.82
CA MET A 522 -1.46 -0.76 14.00
C MET A 522 -1.18 -1.97 14.88
N LYS A 523 -1.44 -3.16 14.38
CA LYS A 523 -1.19 -4.36 15.16
C LYS A 523 -0.85 -5.52 14.23
N LEU A 524 -0.20 -6.53 14.81
CA LEU A 524 0.18 -7.75 14.13
C LEU A 524 -0.30 -8.96 14.93
N VAL A 525 -0.28 -10.13 14.28
CA VAL A 525 -0.61 -11.39 14.92
C VAL A 525 0.45 -12.39 14.46
N CYS A 526 1.42 -12.67 15.33
CA CYS A 526 2.53 -13.57 15.01
C CYS A 526 2.50 -14.75 15.96
N ARG A 527 2.66 -15.95 15.41
CA ARG A 527 2.67 -17.16 16.22
C ARG A 527 4.08 -17.71 16.34
N LYS A 528 4.48 -17.99 17.59
CA LYS A 528 5.84 -18.46 17.84
C LYS A 528 6.09 -19.85 17.28
N SER A 529 5.06 -20.69 17.20
CA SER A 529 5.24 -22.06 16.76
C SER A 529 5.64 -22.17 15.29
N ASP A 530 5.42 -21.12 14.50
CA ASP A 530 5.73 -21.12 13.08
C ASP A 530 6.73 -20.02 12.73
N ASN A 531 7.76 -19.86 13.57
CA ASN A 531 8.82 -18.88 13.34
C ASN A 531 8.25 -17.47 13.20
N MET A 532 7.45 -17.07 14.19
CA MET A 532 6.84 -15.74 14.23
C MET A 532 6.05 -15.46 12.95
N ARG A 533 5.29 -16.45 12.50
CA ARG A 533 4.53 -16.31 11.27
C ARG A 533 3.41 -15.28 11.44
N VAL A 534 3.30 -14.37 10.47
CA VAL A 534 2.26 -13.35 10.51
C VAL A 534 0.95 -13.98 10.11
N LEU A 535 -0.08 -13.81 10.94
CA LEU A 535 -1.40 -14.36 10.69
C LEU A 535 -2.43 -13.27 10.44
N GLY A 536 -2.58 -12.34 11.37
CA GLY A 536 -3.53 -11.26 11.21
C GLY A 536 -2.87 -9.89 11.21
N LEU A 537 -2.93 -9.21 10.08
CA LEU A 537 -2.28 -7.91 9.90
C LEU A 537 -3.35 -6.84 9.72
N HIS A 538 -3.27 -5.79 10.54
CA HIS A 538 -4.28 -4.75 10.57
C HIS A 538 -3.63 -3.38 10.47
N VAL A 539 -4.34 -2.44 9.86
CA VAL A 539 -3.94 -1.04 9.83
C VAL A 539 -5.18 -0.18 9.99
N LEU A 540 -5.04 0.96 10.65
CA LEU A 540 -6.14 1.86 10.94
C LEU A 540 -5.64 3.28 10.72
N GLY A 541 -6.20 3.97 9.73
CA GLY A 541 -5.77 5.31 9.40
C GLY A 541 -6.15 5.72 8.00
N PRO A 542 -5.47 6.73 7.47
CA PRO A 542 -5.77 7.19 6.11
C PRO A 542 -5.24 6.23 5.06
N ASN A 543 -6.04 6.02 4.01
CA ASN A 543 -5.67 5.17 2.88
C ASN A 543 -5.25 3.78 3.34
N ALA A 544 -6.06 3.20 4.23
CA ALA A 544 -5.72 1.91 4.80
C ALA A 544 -5.77 0.79 3.76
N GLY A 545 -6.64 0.91 2.75
CA GLY A 545 -6.73 -0.15 1.76
C GLY A 545 -5.49 -0.29 0.91
N GLU A 546 -4.91 0.84 0.50
CA GLU A 546 -3.69 0.80 -0.31
C GLU A 546 -2.55 0.14 0.46
N ILE A 547 -2.43 0.45 1.74
CA ILE A 547 -1.42 -0.18 2.58
C ILE A 547 -1.72 -1.66 2.75
N THR A 548 -2.99 -2.00 2.98
CA THR A 548 -3.37 -3.37 3.32
C THR A 548 -3.21 -4.32 2.14
N GLN A 549 -3.45 -3.86 0.92
CA GLN A 549 -3.42 -4.77 -0.23
C GLN A 549 -2.03 -5.38 -0.42
N GLY A 550 -0.99 -4.54 -0.36
CA GLY A 550 0.36 -5.06 -0.56
C GLY A 550 0.76 -6.06 0.49
N TYR A 551 0.42 -5.77 1.75
CA TYR A 551 0.80 -6.69 2.81
C TYR A 551 -0.08 -7.94 2.80
N ALA A 552 -1.30 -7.85 2.27
CA ALA A 552 -2.07 -9.05 2.01
C ALA A 552 -1.39 -9.92 0.97
N VAL A 553 -0.88 -9.30 -0.08
CA VAL A 553 -0.12 -10.04 -1.08
C VAL A 553 1.08 -10.71 -0.44
N ALA A 554 1.79 -9.99 0.42
CA ALA A 554 2.93 -10.57 1.11
C ALA A 554 2.51 -11.73 2.01
N ILE A 555 1.37 -11.61 2.68
CA ILE A 555 0.88 -12.66 3.57
C ILE A 555 0.46 -13.89 2.79
N LYS A 556 0.01 -13.71 1.55
CA LYS A 556 -0.60 -14.82 0.80
C LYS A 556 0.29 -16.06 0.78
N MET A 557 1.59 -15.89 0.57
CA MET A 557 2.53 -16.99 0.67
C MET A 557 3.31 -17.00 1.98
N GLY A 558 2.71 -16.52 3.06
CA GLY A 558 3.27 -16.67 4.38
C GLY A 558 4.50 -15.84 4.68
N ALA A 559 4.33 -14.52 4.77
CA ALA A 559 5.41 -13.64 5.17
C ALA A 559 5.62 -13.73 6.68
N THR A 560 6.87 -13.87 7.09
CA THR A 560 7.21 -13.99 8.51
C THR A 560 7.56 -12.62 9.09
N LYS A 561 7.63 -12.58 10.43
CA LYS A 561 8.00 -11.34 11.10
C LYS A 561 9.42 -10.92 10.76
N ALA A 562 10.34 -11.88 10.67
CA ALA A 562 11.71 -11.57 10.25
C ALA A 562 11.73 -11.01 8.83
N ASP A 563 10.80 -11.45 7.98
CA ASP A 563 10.69 -10.86 6.65
C ASP A 563 10.33 -9.39 6.74
N PHE A 564 9.39 -9.04 7.64
CA PHE A 564 9.06 -7.64 7.83
C PHE A 564 10.25 -6.86 8.36
N ASP A 565 11.00 -7.44 9.30
CA ASP A 565 12.16 -6.75 9.85
C ASP A 565 13.22 -6.49 8.77
N ARG A 566 13.48 -7.47 7.91
CA ARG A 566 14.52 -7.29 6.90
C ARG A 566 14.06 -6.39 5.75
N THR A 567 12.75 -6.25 5.56
CA THR A 567 12.27 -5.31 4.55
C THR A 567 12.58 -3.87 4.96
N ILE A 568 12.79 -3.02 3.96
CA ILE A 568 13.22 -1.64 4.18
C ILE A 568 12.08 -0.70 3.79
N GLY A 569 11.86 0.33 4.59
CA GLY A 569 10.73 1.20 4.39
C GLY A 569 10.95 2.21 3.27
N ILE A 570 9.87 2.94 2.98
CA ILE A 570 9.86 3.99 1.95
C ILE A 570 9.64 5.31 2.65
N HIS A 571 10.56 6.24 2.48
CA HIS A 571 10.45 7.47 3.26
C HIS A 571 10.11 8.65 2.37
N PRO A 572 9.21 9.54 2.82
CA PRO A 572 8.43 9.30 4.04
C PRO A 572 7.02 8.79 3.74
N THR A 573 6.63 7.70 4.39
CA THR A 573 5.28 7.16 4.23
C THR A 573 4.71 6.82 5.59
N CYS A 574 3.38 6.75 5.64
CA CYS A 574 2.71 6.37 6.88
C CYS A 574 2.86 4.88 7.17
N SER A 575 3.19 4.09 6.16
CA SER A 575 3.27 2.64 6.33
C SER A 575 4.63 2.18 6.85
N GLU A 576 5.62 3.08 6.93
CA GLU A 576 6.94 2.73 7.45
C GLU A 576 6.89 1.88 8.71
N THR A 577 6.04 2.22 9.67
CA THR A 577 6.08 1.57 10.97
C THR A 577 5.83 0.07 10.85
N PHE A 578 5.23 -0.39 9.75
CA PHE A 578 5.12 -1.83 9.53
C PHE A 578 6.47 -2.55 9.53
N THR A 579 7.49 -1.98 8.88
CA THR A 579 8.80 -2.62 8.87
C THR A 579 9.63 -2.28 10.09
N THR A 580 9.09 -1.47 11.01
CA THR A 580 9.75 -1.10 12.26
C THR A 580 8.84 -1.40 13.45
N LEU A 581 8.26 -2.59 13.48
CA LEU A 581 7.38 -3.01 14.56
C LEU A 581 8.17 -3.87 15.54
N HIS A 582 8.28 -3.41 16.78
CA HIS A 582 8.98 -4.14 17.83
C HIS A 582 8.24 -4.20 19.16
N VAL A 583 7.30 -3.29 19.41
CA VAL A 583 6.58 -3.30 20.69
C VAL A 583 5.67 -4.51 20.76
N THR A 584 5.59 -5.11 21.95
CA THR A 584 4.80 -6.31 22.17
C THR A 584 3.76 -6.06 23.25
N LYS A 585 2.55 -6.58 23.04
CA LYS A 585 1.53 -6.52 24.09
C LYS A 585 1.86 -7.41 25.27
N LYS A 586 2.68 -8.45 25.06
CA LYS A 586 3.08 -9.30 26.17
C LYS A 586 3.87 -8.51 27.20
N SER A 587 4.77 -7.63 26.74
CA SER A 587 5.50 -6.76 27.64
C SER A 587 4.62 -5.67 28.25
N GLY A 588 3.49 -5.36 27.61
CA GLY A 588 2.60 -4.34 28.12
C GLY A 588 3.05 -2.92 27.87
N VAL A 589 4.09 -2.71 27.05
CA VAL A 589 4.58 -1.38 26.77
C VAL A 589 3.53 -0.61 25.98
N SER A 590 3.23 0.61 26.42
CA SER A 590 2.23 1.42 25.74
C SER A 590 2.72 1.82 24.35
N PRO A 591 1.90 1.67 23.31
CA PRO A 591 2.32 2.04 21.96
C PRO A 591 2.16 3.52 21.63
N ILE A 592 1.98 4.38 22.63
CA ILE A 592 1.79 5.80 22.38
C ILE A 592 3.12 6.41 21.99
N VAL A 593 3.32 6.62 20.69
CA VAL A 593 4.57 7.15 20.16
C VAL A 593 4.29 8.60 19.76
N SER A 594 4.84 9.54 20.53
CA SER A 594 4.68 10.96 20.29
C SER A 594 6.06 11.57 20.01
N GLY A 595 6.14 12.37 18.97
CA GLY A 595 7.42 12.98 18.61
C GLY A 595 8.39 11.98 18.03
N CYS A 596 9.41 11.63 18.80
CA CYS A 596 10.39 10.63 18.35
C CYS A 596 9.69 9.29 18.10
N CYS A 597 10.04 8.65 16.98
CA CYS A 597 9.44 7.38 16.63
C CYS A 597 9.88 6.28 17.60
N GLY A 598 9.03 5.28 17.74
CA GLY A 598 9.31 4.16 18.63
C GLY A 598 10.50 3.33 18.20
N GLY B 6 32.61 -22.50 15.92
CA GLY B 6 31.19 -22.23 16.03
C GLY B 6 30.89 -20.87 16.63
N THR B 7 30.71 -20.83 17.95
CA THR B 7 30.42 -19.60 18.67
C THR B 7 31.68 -18.89 19.16
N SER B 8 32.86 -19.40 18.81
CA SER B 8 34.09 -18.73 19.20
C SER B 8 34.19 -17.33 18.59
N GLN B 9 33.79 -17.21 17.31
CA GLN B 9 33.88 -15.91 16.63
C GLN B 9 32.94 -14.89 17.26
N TRP B 10 31.72 -15.29 17.60
CA TRP B 10 30.81 -14.37 18.27
C TRP B 10 31.36 -13.93 19.62
N LEU B 11 31.89 -14.88 20.39
CA LEU B 11 32.44 -14.55 21.70
C LEU B 11 33.62 -13.60 21.58
N ARG B 12 34.54 -13.87 20.65
CA ARG B 12 35.72 -13.03 20.52
C ARG B 12 35.35 -11.63 20.04
N LYS B 13 34.44 -11.52 19.05
CA LYS B 13 34.04 -10.20 18.58
C LYS B 13 33.27 -9.45 19.66
N THR B 14 32.49 -10.15 20.47
CA THR B 14 31.76 -9.51 21.56
C THR B 14 32.72 -8.96 22.61
N VAL B 15 33.69 -9.77 23.02
CA VAL B 15 34.60 -9.33 24.09
C VAL B 15 35.54 -8.24 23.59
N ASP B 16 35.93 -8.30 22.31
CA ASP B 16 36.86 -7.32 21.79
C ASP B 16 36.18 -6.06 21.25
N SER B 17 34.87 -6.07 21.07
CA SER B 17 34.17 -4.93 20.49
C SER B 17 33.14 -4.32 21.43
N ALA B 18 32.29 -5.14 22.05
CA ALA B 18 31.17 -4.62 22.83
C ALA B 18 31.67 -4.01 24.14
N ALA B 19 30.79 -3.22 24.76
CA ALA B 19 31.15 -2.48 25.97
C ALA B 19 30.79 -3.25 27.23
N VAL B 20 29.50 -3.54 27.44
CA VAL B 20 29.03 -4.25 28.61
C VAL B 20 28.19 -5.43 28.14
N ILE B 21 28.58 -6.62 28.55
CA ILE B 21 27.98 -7.86 28.07
C ILE B 21 27.57 -8.68 29.27
N LEU B 22 26.53 -9.49 29.12
CA LEU B 22 26.07 -10.36 30.22
C LEU B 22 25.54 -11.66 29.60
N PHE B 23 26.34 -12.71 29.67
CA PHE B 23 25.87 -14.03 29.28
C PHE B 23 25.02 -14.62 30.40
N SER B 24 23.78 -14.97 30.07
CA SER B 24 22.85 -15.49 31.07
C SER B 24 21.78 -16.35 30.44
N LYS B 25 21.06 -17.13 31.25
CA LYS B 25 19.95 -17.94 30.80
C LYS B 25 18.67 -17.55 31.54
N THR B 26 17.55 -18.10 31.07
CA THR B 26 16.27 -17.79 31.70
C THR B 26 15.99 -18.71 32.88
N THR B 27 16.33 -20.00 32.75
CA THR B 27 16.03 -20.96 33.80
C THR B 27 16.79 -20.66 35.08
N CYS B 28 18.05 -20.28 34.96
CA CYS B 28 18.88 -19.94 36.12
C CYS B 28 18.31 -18.73 36.86
N PRO B 29 18.00 -18.86 38.15
CA PRO B 29 17.42 -17.72 38.89
C PRO B 29 18.46 -16.69 39.28
N TYR B 30 19.71 -17.14 39.47
CA TYR B 30 20.78 -16.22 39.81
C TYR B 30 21.03 -15.23 38.68
N CYS B 31 20.83 -15.66 37.43
CA CYS B 31 20.95 -14.74 36.30
C CYS B 31 19.89 -13.66 36.34
N LYS B 32 18.65 -14.02 36.68
CA LYS B 32 17.61 -13.01 36.84
C LYS B 32 17.93 -12.08 38.00
N LYS B 33 18.50 -12.63 39.07
CA LYS B 33 18.86 -11.80 40.22
C LYS B 33 19.94 -10.78 39.84
N VAL B 34 20.96 -11.21 39.10
CA VAL B 34 22.00 -10.26 38.71
C VAL B 34 21.47 -9.28 37.67
N LYS B 35 20.53 -9.69 36.82
CA LYS B 35 19.87 -8.75 35.94
C LYS B 35 19.13 -7.67 36.73
N ASP B 36 18.42 -8.08 37.79
CA ASP B 36 17.74 -7.12 38.64
C ASP B 36 18.74 -6.20 39.34
N VAL B 37 19.88 -6.74 39.76
CA VAL B 37 20.90 -5.93 40.41
C VAL B 37 21.43 -4.87 39.45
N LEU B 38 21.74 -5.27 38.22
CA LEU B 38 22.20 -4.31 37.22
C LEU B 38 21.13 -3.27 36.91
N ALA B 39 19.87 -3.69 36.84
CA ALA B 39 18.79 -2.74 36.59
C ALA B 39 18.67 -1.72 37.71
N GLU B 40 18.79 -2.19 38.97
CA GLU B 40 18.72 -1.27 40.10
C GLU B 40 19.92 -0.34 40.14
N ALA B 41 21.05 -0.75 39.57
CA ALA B 41 22.24 0.09 39.51
C ALA B 41 22.21 1.06 38.35
N LYS B 42 21.16 1.03 37.52
CA LYS B 42 21.03 1.90 36.35
C LYS B 42 22.22 1.71 35.40
N ILE B 43 22.68 0.48 35.27
CA ILE B 43 23.76 0.11 34.36
C ILE B 43 23.19 -0.89 33.37
N LYS B 44 22.72 -0.39 32.22
CA LYS B 44 22.15 -1.25 31.20
C LYS B 44 23.24 -2.12 30.58
N HIS B 45 22.86 -3.32 30.16
CA HIS B 45 23.80 -4.32 29.71
C HIS B 45 23.34 -4.93 28.39
N ALA B 46 24.30 -5.45 27.64
CA ALA B 46 24.00 -6.17 26.40
C ALA B 46 23.97 -7.67 26.68
N THR B 47 22.85 -8.10 27.27
CA THR B 47 22.71 -9.49 27.69
C THR B 47 22.46 -10.40 26.49
N ILE B 48 22.90 -11.65 26.63
CA ILE B 48 22.65 -12.70 25.65
C ILE B 48 22.11 -13.92 26.39
N GLU B 49 20.98 -14.45 25.92
CA GLU B 49 20.34 -15.61 26.51
C GLU B 49 20.93 -16.87 25.86
N LEU B 50 21.72 -17.62 26.63
CA LEU B 50 22.34 -18.83 26.09
C LEU B 50 21.30 -19.88 25.74
N ASP B 51 20.29 -20.05 26.59
CA ASP B 51 19.26 -21.05 26.36
C ASP B 51 18.36 -20.73 25.18
N GLN B 52 18.44 -19.52 24.63
CA GLN B 52 17.62 -19.09 23.51
C GLN B 52 18.45 -18.96 22.24
N LEU B 53 19.43 -19.85 22.06
CA LEU B 53 20.29 -19.87 20.88
C LEU B 53 20.40 -21.29 20.36
N SER B 54 20.92 -21.39 19.12
CA SER B 54 20.93 -22.68 18.42
C SER B 54 21.82 -23.70 19.13
N ASN B 55 23.01 -23.28 19.58
CA ASN B 55 24.01 -24.19 20.14
C ASN B 55 24.51 -23.65 21.48
N GLY B 56 23.77 -23.95 22.55
CA GLY B 56 24.20 -23.54 23.88
C GLY B 56 25.47 -24.22 24.32
N SER B 57 25.65 -25.49 23.95
CA SER B 57 26.85 -26.23 24.34
C SER B 57 28.10 -25.59 23.76
N ALA B 58 28.04 -25.16 22.50
CA ALA B 58 29.20 -24.49 21.90
C ALA B 58 29.52 -23.19 22.62
N ILE B 59 28.49 -22.43 23.00
CA ILE B 59 28.72 -21.19 23.74
C ILE B 59 29.36 -21.49 25.09
N GLN B 60 28.90 -22.55 25.78
CA GLN B 60 29.49 -22.92 27.06
C GLN B 60 30.94 -23.35 26.89
N LYS B 61 31.24 -24.10 25.83
CA LYS B 61 32.62 -24.52 25.58
C LYS B 61 33.52 -23.31 25.31
N CYS B 62 33.02 -22.35 24.53
CA CYS B 62 33.79 -21.15 24.27
C CYS B 62 34.00 -20.34 25.55
N LEU B 63 32.98 -20.27 26.40
CA LEU B 63 33.11 -19.57 27.68
C LEU B 63 34.16 -20.25 28.55
N ALA B 64 34.15 -21.58 28.61
CA ALA B 64 35.18 -22.30 29.34
C ALA B 64 36.56 -22.03 28.76
N SER B 65 36.66 -21.92 27.44
CA SER B 65 37.93 -21.57 26.81
C SER B 65 38.36 -20.14 27.11
N PHE B 66 37.42 -19.24 27.42
CA PHE B 66 37.75 -17.85 27.68
C PHE B 66 37.50 -17.46 29.12
N SER B 67 36.28 -17.65 29.64
CA SER B 67 35.96 -17.25 31.00
C SER B 67 36.44 -18.24 32.05
N LYS B 68 36.87 -19.43 31.62
CA LYS B 68 37.50 -20.45 32.46
C LYS B 68 36.49 -21.10 33.41
N ILE B 69 35.27 -20.58 33.45
CA ILE B 69 34.22 -21.14 34.29
C ILE B 69 32.95 -21.32 33.45
N GLU B 70 32.32 -22.49 33.57
CA GLU B 70 31.10 -22.77 32.83
C GLU B 70 29.89 -22.10 33.45
N THR B 71 29.92 -21.86 34.76
CA THR B 71 28.74 -21.37 35.48
C THR B 71 28.37 -19.97 35.02
N VAL B 72 27.29 -19.86 34.25
CA VAL B 72 26.70 -18.59 33.88
C VAL B 72 25.92 -18.08 35.09
N PRO B 73 25.63 -16.77 35.20
CA PRO B 73 25.90 -15.67 34.27
C PRO B 73 27.33 -15.14 34.37
N GLN B 74 27.79 -14.46 33.32
CA GLN B 74 29.10 -13.82 33.35
C GLN B 74 28.99 -12.45 32.71
N MET B 75 29.46 -11.42 33.42
CA MET B 75 29.36 -10.04 32.98
C MET B 75 30.74 -9.55 32.58
N PHE B 76 30.83 -8.88 31.43
CA PHE B 76 32.09 -8.44 30.85
C PHE B 76 32.04 -6.94 30.58
N VAL B 77 33.15 -6.27 30.91
CA VAL B 77 33.36 -4.86 30.59
C VAL B 77 34.67 -4.76 29.83
N ARG B 78 34.62 -4.21 28.62
CA ARG B 78 35.74 -4.22 27.69
C ARG B 78 36.23 -5.64 27.40
N GLY B 79 35.39 -6.64 27.64
CA GLY B 79 35.78 -8.03 27.52
C GLY B 79 36.48 -8.60 28.72
N LYS B 80 36.76 -7.79 29.74
CA LYS B 80 37.40 -8.29 30.95
C LYS B 80 36.44 -9.15 31.75
N PHE B 81 36.97 -10.24 32.32
CA PHE B 81 36.16 -11.17 33.10
C PHE B 81 36.07 -10.68 34.54
N ILE B 82 35.00 -9.97 34.85
CA ILE B 82 34.74 -9.58 36.24
C ILE B 82 34.48 -10.80 37.10
N GLY B 83 33.67 -11.72 36.62
CA GLY B 83 33.38 -12.95 37.33
C GLY B 83 31.92 -13.31 37.21
N ASP B 84 31.44 -14.06 38.20
CA ASP B 84 30.08 -14.55 38.22
C ASP B 84 29.17 -13.55 38.95
N SER B 85 27.95 -13.97 39.27
CA SER B 85 27.02 -13.10 39.99
C SER B 85 27.56 -12.70 41.35
N GLN B 86 28.33 -13.58 42.00
CA GLN B 86 28.89 -13.26 43.30
C GLN B 86 29.86 -12.09 43.21
N THR B 87 30.72 -12.10 42.19
CA THR B 87 31.69 -11.01 42.02
C THR B 87 30.99 -9.69 41.76
N VAL B 88 29.97 -9.69 40.89
CA VAL B 88 29.25 -8.46 40.59
C VAL B 88 28.50 -7.96 41.83
N LEU B 89 27.91 -8.87 42.58
CA LEU B 89 27.21 -8.48 43.81
C LEU B 89 28.18 -7.86 44.81
N LYS B 90 29.36 -8.47 44.98
CA LYS B 90 30.36 -7.92 45.88
C LYS B 90 30.82 -6.54 45.43
N TYR B 91 31.05 -6.37 44.12
CA TYR B 91 31.49 -5.08 43.60
C TYR B 91 30.43 -4.02 43.80
N TYR B 92 29.15 -4.37 43.58
CA TYR B 92 28.07 -3.43 43.85
C TYR B 92 27.98 -3.08 45.32
N SER B 93 28.19 -4.06 46.21
CA SER B 93 28.18 -3.78 47.64
C SER B 93 29.29 -2.82 48.02
N ASN B 94 30.49 -3.02 47.43
CA ASN B 94 31.60 -2.13 47.71
C ASN B 94 31.43 -0.75 47.08
N ASP B 95 30.49 -0.60 46.14
CA ASP B 95 30.15 0.69 45.52
C ASP B 95 31.31 1.26 44.70
N GLU B 96 31.83 0.45 43.77
CA GLU B 96 32.80 0.93 42.78
C GLU B 96 32.54 0.38 41.39
N LEU B 97 31.37 -0.21 41.14
CA LEU B 97 31.09 -0.77 39.82
C LEU B 97 30.95 0.33 38.77
N ALA B 98 30.44 1.50 39.17
CA ALA B 98 30.28 2.61 38.22
C ALA B 98 31.63 3.07 37.68
N GLY B 99 32.63 3.18 38.55
CA GLY B 99 33.96 3.51 38.08
C GLY B 99 34.56 2.43 37.19
N ILE B 100 34.26 1.16 37.48
CA ILE B 100 34.76 0.07 36.65
C ILE B 100 34.18 0.14 35.26
N VAL B 101 32.87 0.37 35.16
CA VAL B 101 32.19 0.37 33.86
C VAL B 101 32.37 1.67 33.09
N ASN B 102 32.90 2.71 33.73
CA ASN B 102 33.08 4.01 33.08
C ASN B 102 34.55 4.38 32.91
N GLU B 103 35.44 3.39 32.95
CA GLU B 103 36.88 3.63 32.79
C GLU B 103 37.42 2.77 31.66
N SER B 104 38.15 3.40 30.74
CA SER B 104 38.78 2.70 29.64
C SER B 104 39.88 3.57 29.08
N LYS B 105 40.73 2.97 28.23
CA LYS B 105 41.80 3.73 27.60
C LYS B 105 41.28 4.76 26.60
N TYR B 106 40.01 4.67 26.21
CA TYR B 106 39.39 5.63 25.32
C TYR B 106 38.34 6.44 26.09
N ASP B 107 38.18 7.70 25.68
CA ASP B 107 37.23 8.59 26.35
C ASP B 107 35.81 8.07 26.22
N TYR B 108 35.42 7.65 25.02
CA TYR B 108 34.10 7.10 24.77
C TYR B 108 34.23 5.76 24.08
N ASP B 109 33.27 4.87 24.32
CA ASP B 109 33.25 3.59 23.64
C ASP B 109 33.02 3.76 22.14
N LEU B 110 32.16 4.70 21.76
CA LEU B 110 31.81 4.91 20.36
C LEU B 110 31.73 6.40 20.05
N ILE B 111 32.24 6.78 18.89
CA ILE B 111 32.15 8.16 18.40
C ILE B 111 31.47 8.11 17.04
N VAL B 112 30.32 8.76 16.92
CA VAL B 112 29.54 8.77 15.69
C VAL B 112 29.54 10.19 15.13
N ILE B 113 30.16 10.36 13.96
CA ILE B 113 30.28 11.66 13.32
C ILE B 113 29.17 11.78 12.28
N GLY B 114 28.41 12.86 12.35
CA GLY B 114 27.31 13.06 11.42
C GLY B 114 25.96 12.74 12.05
N GLY B 115 25.23 13.77 12.48
CA GLY B 115 23.98 13.56 13.17
C GLY B 115 22.78 13.48 12.25
N GLY B 116 22.77 12.47 11.38
CA GLY B 116 21.62 12.20 10.53
C GLY B 116 20.75 11.09 11.10
N SER B 117 19.71 10.75 10.33
CA SER B 117 18.78 9.72 10.77
C SER B 117 19.51 8.42 11.06
N GLY B 118 20.41 8.01 10.17
CA GLY B 118 21.25 6.86 10.45
C GLY B 118 22.16 7.07 11.64
N GLY B 119 22.72 8.28 11.76
CA GLY B 119 23.60 8.56 12.89
C GLY B 119 22.90 8.47 14.23
N LEU B 120 21.75 9.14 14.35
CA LEU B 120 21.00 9.06 15.60
C LEU B 120 20.47 7.65 15.85
N ALA B 121 20.04 6.95 14.80
CA ALA B 121 19.58 5.58 14.98
C ALA B 121 20.69 4.70 15.53
N ALA B 122 21.89 4.80 14.95
CA ALA B 122 23.02 4.01 15.44
C ALA B 122 23.39 4.41 16.86
N GLY B 123 23.37 5.72 17.16
CA GLY B 123 23.70 6.16 18.49
C GLY B 123 22.75 5.61 19.54
N LYS B 124 21.44 5.70 19.26
CA LYS B 124 20.45 5.18 20.19
C LYS B 124 20.56 3.67 20.32
N GLU B 125 20.76 2.96 19.21
CA GLU B 125 20.87 1.51 19.25
C GLU B 125 22.07 1.07 20.08
N ALA B 126 23.21 1.76 19.91
CA ALA B 126 24.38 1.43 20.71
C ALA B 126 24.18 1.80 22.18
N ALA B 127 23.55 2.95 22.43
CA ALA B 127 23.39 3.42 23.80
C ALA B 127 22.49 2.49 24.61
N LYS B 128 21.33 2.12 24.05
CA LYS B 128 20.43 1.24 24.78
C LYS B 128 20.97 -0.18 24.86
N TYR B 129 22.03 -0.50 24.14
CA TYR B 129 22.69 -1.80 24.23
C TYR B 129 23.84 -1.81 25.24
N GLY B 130 23.80 -0.92 26.23
CA GLY B 130 24.83 -0.87 27.25
C GLY B 130 26.17 -0.35 26.75
N ALA B 131 26.23 0.93 26.40
CA ALA B 131 27.47 1.54 25.96
C ALA B 131 27.37 3.05 26.12
N LYS B 132 28.53 3.70 26.13
CA LYS B 132 28.63 5.15 26.16
C LYS B 132 29.08 5.62 24.79
N THR B 133 28.35 6.56 24.20
CA THR B 133 28.61 7.01 22.84
C THR B 133 28.51 8.53 22.79
N ALA B 134 29.31 9.14 21.91
CA ALA B 134 29.26 10.56 21.64
C ALA B 134 28.90 10.78 20.18
N VAL B 135 27.82 11.51 19.95
CA VAL B 135 27.33 11.83 18.61
C VAL B 135 27.65 13.29 18.32
N LEU B 136 28.34 13.53 17.20
CA LEU B 136 28.80 14.86 16.84
C LEU B 136 28.21 15.24 15.50
N ASP B 137 27.50 16.37 15.46
CA ASP B 137 26.90 16.87 14.23
C ASP B 137 27.23 18.35 14.07
N TYR B 138 27.35 18.78 12.83
CA TYR B 138 27.63 20.18 12.51
C TYR B 138 27.28 20.41 11.04
N VAL B 139 26.75 21.60 10.75
CA VAL B 139 26.39 21.99 9.40
C VAL B 139 27.13 23.28 9.05
N GLU B 140 27.83 23.26 7.93
CA GLU B 140 28.58 24.43 7.47
C GLU B 140 27.84 25.07 6.31
N PRO B 141 27.21 26.22 6.50
CA PRO B 141 26.45 26.88 5.41
C PRO B 141 27.35 27.59 4.40
N THR B 142 27.85 26.82 3.42
CA THR B 142 28.65 27.41 2.35
C THR B 142 27.89 28.49 1.58
N PRO B 143 26.62 28.30 1.17
CA PRO B 143 25.86 29.43 0.62
C PRO B 143 25.44 30.38 1.73
N ILE B 144 24.59 31.36 1.41
CA ILE B 144 24.09 32.26 2.45
C ILE B 144 23.57 31.47 3.64
N GLY B 145 22.90 30.35 3.37
CA GLY B 145 22.67 29.33 4.37
C GLY B 145 21.65 29.65 5.45
N THR B 146 21.01 28.62 5.97
CA THR B 146 20.19 28.70 7.18
C THR B 146 20.58 27.49 8.03
N THR B 147 21.37 27.73 9.07
CA THR B 147 21.97 26.62 9.80
C THR B 147 20.94 25.88 10.62
N TRP B 148 20.32 24.87 10.02
CA TRP B 148 19.36 24.04 10.73
C TRP B 148 20.03 23.28 11.86
N GLY B 149 19.26 22.99 12.90
CA GLY B 149 19.79 22.29 14.05
C GLY B 149 19.93 20.80 13.83
N LEU B 150 19.96 20.04 14.92
CA LEU B 150 20.09 18.60 14.83
C LEU B 150 18.87 18.00 14.16
N GLY B 151 19.09 16.87 13.47
CA GLY B 151 18.01 16.18 12.78
C GLY B 151 18.48 15.56 11.48
N GLY B 152 19.61 16.05 10.98
CA GLY B 152 20.18 15.49 9.77
C GLY B 152 19.51 15.99 8.51
N THR B 153 20.03 15.51 7.38
CA THR B 153 19.55 15.96 6.08
C THR B 153 18.08 15.59 5.88
N CYS B 154 17.71 14.36 6.24
CA CYS B 154 16.36 13.91 5.96
C CYS B 154 15.32 14.72 6.71
N VAL B 155 15.57 15.01 7.99
CA VAL B 155 14.57 15.68 8.80
C VAL B 155 14.62 17.20 8.60
N ASN B 156 15.81 17.78 8.69
CA ASN B 156 15.91 19.24 8.67
C ASN B 156 15.63 19.84 7.30
N VAL B 157 16.14 19.20 6.23
CA VAL B 157 16.02 19.74 4.88
C VAL B 157 15.39 18.74 3.91
N GLY B 158 15.80 17.48 3.96
CA GLY B 158 15.46 16.54 2.90
C GLY B 158 14.03 16.07 2.78
N CYS B 159 13.56 15.27 3.74
CA CYS B 159 12.35 14.49 3.55
C CYS B 159 11.09 15.21 4.01
N ILE B 160 11.03 15.60 5.29
CA ILE B 160 9.79 16.11 5.85
C ILE B 160 9.25 17.34 5.11
N PRO B 161 10.04 18.40 4.88
CA PRO B 161 9.49 19.53 4.12
C PRO B 161 9.04 19.15 2.72
N LYS B 162 9.75 18.20 2.10
CA LYS B 162 9.38 17.75 0.76
C LYS B 162 7.96 17.20 0.76
N LYS B 163 7.66 16.28 1.67
CA LYS B 163 6.30 15.72 1.72
C LYS B 163 5.29 16.74 2.21
N LEU B 164 5.71 17.70 3.03
CA LEU B 164 4.76 18.73 3.47
C LEU B 164 4.29 19.59 2.31
N MET B 165 5.23 20.09 1.51
CA MET B 165 4.80 20.84 0.33
C MET B 165 4.17 19.94 -0.72
N HIS B 166 4.50 18.65 -0.71
CA HIS B 166 3.80 17.71 -1.57
C HIS B 166 2.33 17.61 -1.22
N GLN B 167 2.02 17.48 0.07
CA GLN B 167 0.63 17.47 0.48
C GLN B 167 -0.02 18.82 0.25
N ALA B 168 0.76 19.91 0.29
CA ALA B 168 0.22 21.21 -0.10
C ALA B 168 -0.23 21.20 -1.55
N GLY B 169 0.60 20.63 -2.43
CA GLY B 169 0.21 20.55 -3.85
C GLY B 169 -1.00 19.65 -4.07
N LEU B 170 -1.04 18.51 -3.38
CA LEU B 170 -2.22 17.64 -3.48
C LEU B 170 -3.47 18.32 -2.91
N LEU B 171 -3.32 19.15 -1.88
CA LEU B 171 -4.46 19.93 -1.41
C LEU B 171 -4.88 20.96 -2.45
N SER B 172 -3.92 21.54 -3.18
CA SER B 172 -4.27 22.43 -4.28
C SER B 172 -5.13 21.68 -5.30
N HIS B 173 -4.69 20.49 -5.70
CA HIS B 173 -5.47 19.70 -6.65
C HIS B 173 -6.83 19.31 -6.07
N ALA B 174 -6.88 19.01 -4.76
CA ALA B 174 -8.12 18.63 -4.13
C ALA B 174 -9.12 19.78 -4.12
N LEU B 175 -8.67 20.99 -3.81
CA LEU B 175 -9.53 22.16 -3.92
C LEU B 175 -9.97 22.38 -5.36
N GLU B 176 -9.07 22.13 -6.31
CA GLU B 176 -9.44 22.27 -7.72
C GLU B 176 -10.57 21.30 -8.08
N ASP B 177 -10.50 20.06 -7.59
CA ASP B 177 -11.45 19.03 -7.94
C ASP B 177 -12.68 19.01 -7.03
N ALA B 178 -12.69 19.79 -5.95
CA ALA B 178 -13.81 19.76 -5.02
C ALA B 178 -15.08 20.36 -5.62
N GLU B 179 -14.97 21.03 -6.77
CA GLU B 179 -16.16 21.59 -7.42
C GLU B 179 -17.15 20.49 -7.77
N HIS B 180 -16.65 19.37 -8.30
CA HIS B 180 -17.52 18.30 -8.75
C HIS B 180 -18.10 17.48 -7.61
N PHE B 181 -17.59 17.65 -6.38
CA PHE B 181 -18.08 16.93 -5.22
C PHE B 181 -19.03 17.77 -4.38
N GLY B 182 -19.71 18.73 -5.00
CA GLY B 182 -20.70 19.51 -4.28
C GLY B 182 -20.13 20.39 -3.19
N TRP B 183 -19.03 21.09 -3.46
CA TRP B 183 -18.43 22.02 -2.51
C TRP B 183 -18.52 23.43 -3.08
N SER B 184 -19.08 24.35 -2.29
CA SER B 184 -19.46 25.68 -2.76
C SER B 184 -18.27 26.63 -2.62
N LEU B 185 -17.37 26.59 -3.58
CA LEU B 185 -16.28 27.55 -3.64
C LEU B 185 -15.92 27.77 -5.10
N ASP B 186 -14.94 28.66 -5.34
CA ASP B 186 -14.71 29.17 -6.69
C ASP B 186 -13.33 28.86 -7.25
N ARG B 187 -12.32 28.65 -6.40
CA ARG B 187 -10.94 28.44 -6.81
C ARG B 187 -10.37 29.63 -7.57
N SER B 188 -10.95 30.81 -7.39
CA SER B 188 -10.40 32.05 -7.92
C SER B 188 -10.08 33.04 -6.82
N LYS B 189 -10.95 33.14 -5.81
CA LYS B 189 -10.68 33.96 -4.64
C LYS B 189 -9.75 33.28 -3.64
N ILE B 190 -9.46 32.00 -3.83
CA ILE B 190 -8.55 31.28 -2.95
C ILE B 190 -7.11 31.52 -3.40
N SER B 191 -6.27 31.98 -2.49
CA SER B 191 -4.87 32.28 -2.78
C SER B 191 -3.97 31.41 -1.89
N HIS B 192 -2.67 31.70 -1.93
CA HIS B 192 -1.68 30.92 -1.20
C HIS B 192 -0.84 31.83 -0.32
N ASN B 193 -0.34 31.27 0.77
CA ASN B 193 0.53 31.96 1.74
C ASN B 193 1.79 31.13 1.91
N TRP B 194 2.82 31.44 1.13
CA TRP B 194 4.05 30.67 1.17
C TRP B 194 4.78 30.83 2.51
N SER B 195 4.71 32.04 3.08
CA SER B 195 5.30 32.25 4.40
C SER B 195 4.66 31.34 5.44
N THR B 196 3.36 31.06 5.30
CA THR B 196 2.72 30.09 6.18
C THR B 196 3.35 28.72 6.02
N MET B 197 3.62 28.31 4.78
CA MET B 197 4.35 27.06 4.54
C MET B 197 5.65 27.06 5.31
N VAL B 198 6.44 28.11 5.14
CA VAL B 198 7.77 28.14 5.74
C VAL B 198 7.67 28.05 7.26
N GLU B 199 6.82 28.88 7.86
CA GLU B 199 6.75 28.91 9.32
C GLU B 199 6.22 27.59 9.87
N GLY B 200 5.19 27.01 9.24
CA GLY B 200 4.64 25.76 9.76
C GLY B 200 5.61 24.61 9.65
N VAL B 201 6.28 24.49 8.49
CA VAL B 201 7.21 23.38 8.33
C VAL B 201 8.41 23.56 9.25
N GLN B 202 8.86 24.80 9.44
CA GLN B 202 10.00 25.01 10.34
C GLN B 202 9.60 24.76 11.79
N SER B 203 8.35 25.07 12.15
CA SER B 203 7.88 24.74 13.48
C SER B 203 7.86 23.24 13.70
N HIS B 204 7.38 22.49 12.71
CA HIS B 204 7.38 21.03 12.84
C HIS B 204 8.82 20.50 12.93
N ILE B 205 9.72 21.06 12.13
CA ILE B 205 11.12 20.65 12.19
C ILE B 205 11.70 20.94 13.56
N GLY B 206 11.39 22.10 14.14
CA GLY B 206 11.88 22.41 15.47
C GLY B 206 11.35 21.46 16.52
N SER B 207 10.07 21.08 16.40
CA SER B 207 9.52 20.08 17.32
C SER B 207 10.25 18.76 17.17
N LEU B 208 10.56 18.36 15.94
CA LEU B 208 11.32 17.14 15.72
C LEU B 208 12.72 17.23 16.31
N ASN B 209 13.35 18.41 16.19
CA ASN B 209 14.69 18.59 16.79
C ASN B 209 14.62 18.49 18.31
N TRP B 210 13.59 19.08 18.92
CA TRP B 210 13.43 18.96 20.36
C TRP B 210 13.21 17.51 20.77
N GLY B 211 12.40 16.78 19.99
CA GLY B 211 12.23 15.36 20.27
C GLY B 211 13.52 14.57 20.17
N TYR B 212 14.34 14.88 19.16
CA TYR B 212 15.62 14.21 19.00
C TYR B 212 16.56 14.53 20.16
N LYS B 213 16.58 15.79 20.60
CA LYS B 213 17.42 16.15 21.74
C LYS B 213 16.97 15.42 23.00
N VAL B 214 15.65 15.35 23.22
CA VAL B 214 15.13 14.62 24.38
C VAL B 214 15.51 13.15 24.29
N ALA B 215 15.42 12.57 23.09
CA ALA B 215 15.76 11.17 22.92
C ALA B 215 17.23 10.91 23.21
N LEU B 216 18.12 11.78 22.71
CA LEU B 216 19.54 11.56 22.96
C LEU B 216 19.89 11.77 24.43
N ARG B 217 19.20 12.71 25.09
CA ARG B 217 19.39 12.85 26.53
C ARG B 217 18.92 11.61 27.28
N ASP B 218 17.81 11.01 26.83
CA ASP B 218 17.32 9.78 27.47
C ASP B 218 18.31 8.64 27.32
N ASN B 219 18.93 8.51 26.15
CA ASN B 219 19.89 7.44 25.88
C ASN B 219 21.29 7.77 26.37
N GLN B 220 21.43 8.75 27.27
CA GLN B 220 22.70 9.13 27.89
C GLN B 220 23.80 9.43 26.87
N VAL B 221 23.42 9.68 25.62
CA VAL B 221 24.38 10.06 24.58
C VAL B 221 24.65 11.55 24.69
N THR B 222 25.93 11.92 24.73
CA THR B 222 26.31 13.31 24.72
C THR B 222 26.37 13.81 23.28
N TYR B 223 25.81 15.00 23.05
CA TYR B 223 25.75 15.58 21.71
C TYR B 223 26.34 16.98 21.76
N LEU B 224 27.38 17.20 20.97
CA LEU B 224 28.04 18.50 20.88
C LEU B 224 27.99 18.97 19.43
N ASN B 225 27.42 20.14 19.20
CA ASN B 225 27.34 20.70 17.86
C ASN B 225 28.72 21.24 17.47
N ALA B 226 29.61 20.31 17.15
CA ALA B 226 30.99 20.62 16.84
C ALA B 226 31.40 19.95 15.54
N LYS B 227 32.25 20.62 14.77
CA LYS B 227 32.72 20.08 13.51
C LYS B 227 33.59 18.85 13.75
N GLY B 228 33.40 17.83 12.93
CA GLY B 228 34.11 16.58 13.04
C GLY B 228 35.22 16.49 12.01
N ARG B 229 36.38 16.02 12.46
CA ARG B 229 37.55 15.90 11.59
C ARG B 229 38.42 14.79 12.19
N LEU B 230 38.33 13.60 11.60
CA LEU B 230 39.02 12.44 12.14
C LEU B 230 40.53 12.57 11.96
N ILE B 231 41.28 12.03 12.93
CA ILE B 231 42.73 12.10 12.90
C ILE B 231 43.34 10.71 12.82
N SER B 232 43.10 9.88 13.83
CA SER B 232 43.69 8.55 13.94
C SER B 232 42.60 7.53 14.16
N PRO B 233 42.86 6.25 13.86
CA PRO B 233 41.80 5.22 13.96
C PRO B 233 41.12 5.13 15.31
N HIS B 234 41.61 5.86 16.32
CA HIS B 234 40.96 5.89 17.62
C HIS B 234 40.87 7.27 18.24
N GLU B 235 41.15 8.34 17.48
CA GLU B 235 41.11 9.69 18.00
C GLU B 235 40.66 10.67 16.94
N VAL B 236 39.82 11.63 17.36
CA VAL B 236 39.29 12.67 16.49
C VAL B 236 39.43 14.02 17.21
N GLN B 237 39.84 15.03 16.46
CA GLN B 237 39.86 16.39 16.97
C GLN B 237 38.61 17.12 16.47
N ILE B 238 37.96 17.83 17.38
CA ILE B 238 36.69 18.48 17.09
C ILE B 238 36.84 19.98 17.26
N THR B 239 35.99 20.72 16.55
CA THR B 239 35.98 22.17 16.56
C THR B 239 34.60 22.64 17.04
N ASP B 240 34.55 23.18 18.25
CA ASP B 240 33.28 23.62 18.82
C ASP B 240 32.71 24.80 18.05
N LYS B 241 31.48 25.16 18.39
CA LYS B 241 30.82 26.30 17.74
C LYS B 241 31.60 27.59 17.96
N ASN B 242 32.24 27.73 19.13
CA ASN B 242 33.06 28.89 19.43
C ASN B 242 34.52 28.70 19.04
N GLN B 243 34.79 27.85 18.05
CA GLN B 243 36.15 27.59 17.56
C GLN B 243 37.06 27.07 18.66
N LYS B 244 36.52 26.27 19.58
CA LYS B 244 37.29 25.69 20.67
C LYS B 244 37.72 24.28 20.25
N VAL B 245 38.91 24.18 19.65
CA VAL B 245 39.40 22.91 19.17
C VAL B 245 39.82 22.04 20.34
N SER B 246 39.31 20.81 20.38
CA SER B 246 39.63 19.88 21.46
C SER B 246 39.89 18.50 20.85
N THR B 247 40.31 17.56 21.68
CA THR B 247 40.73 16.23 21.26
C THR B 247 39.97 15.17 22.06
N ILE B 248 39.33 14.24 21.35
CA ILE B 248 38.57 13.16 21.97
C ILE B 248 38.98 11.84 21.33
N THR B 249 39.33 10.86 22.16
CA THR B 249 39.66 9.53 21.69
C THR B 249 38.49 8.58 21.93
N GLY B 250 38.37 7.59 21.06
CA GLY B 250 37.28 6.64 21.14
C GLY B 250 37.71 5.28 20.62
N ASN B 251 37.04 4.25 21.15
CA ASN B 251 37.34 2.89 20.74
C ASN B 251 36.95 2.65 19.29
N LYS B 252 35.72 3.00 18.92
CA LYS B 252 35.20 2.73 17.59
C LYS B 252 34.59 4.00 17.00
N ILE B 253 34.64 4.08 15.67
CA ILE B 253 34.26 5.26 14.92
C ILE B 253 33.18 4.88 13.91
N ILE B 254 32.11 5.66 13.88
CA ILE B 254 31.06 5.53 12.87
C ILE B 254 31.06 6.81 12.04
N LEU B 255 31.16 6.67 10.73
CA LEU B 255 31.20 7.81 9.81
C LEU B 255 29.85 7.96 9.14
N ALA B 256 29.20 9.10 9.38
CA ALA B 256 27.92 9.43 8.77
C ALA B 256 27.94 10.85 8.26
N THR B 257 29.01 11.20 7.53
CA THR B 257 29.17 12.55 7.04
C THR B 257 28.10 12.94 6.04
N GLY B 258 27.44 11.98 5.42
CA GLY B 258 26.39 12.33 4.48
C GLY B 258 26.96 13.04 3.26
N GLU B 259 26.10 13.82 2.61
CA GLU B 259 26.47 14.56 1.42
C GLU B 259 25.79 15.92 1.45
N ARG B 260 26.30 16.82 0.62
CA ARG B 260 25.78 18.16 0.47
C ARG B 260 25.59 18.46 -1.00
N PRO B 261 24.58 19.26 -1.36
CA PRO B 261 24.34 19.56 -2.77
C PRO B 261 25.56 20.17 -3.45
N LYS B 262 25.80 19.76 -4.69
CA LYS B 262 26.95 20.21 -5.45
C LYS B 262 26.67 21.60 -6.03
N TYR B 263 27.53 22.05 -6.95
CA TYR B 263 27.35 23.32 -7.59
C TYR B 263 27.92 23.26 -8.99
N PRO B 264 27.17 23.71 -9.99
CA PRO B 264 27.76 23.85 -11.34
C PRO B 264 28.66 25.08 -11.37
N GLU B 265 29.92 24.91 -10.97
CA GLU B 265 30.77 26.04 -10.64
C GLU B 265 30.98 26.95 -11.84
N ILE B 266 30.26 28.08 -11.83
CA ILE B 266 30.36 29.14 -12.83
C ILE B 266 30.22 30.45 -12.07
N PRO B 267 30.74 31.57 -12.58
CA PRO B 267 30.60 32.84 -11.86
C PRO B 267 29.15 33.21 -11.59
N GLY B 268 28.80 33.33 -10.32
CA GLY B 268 27.47 33.66 -9.89
C GLY B 268 26.64 32.50 -9.38
N ALA B 269 27.06 31.26 -9.68
CA ALA B 269 26.28 30.11 -9.28
C ALA B 269 26.26 29.90 -7.77
N VAL B 270 27.17 30.51 -7.04
CA VAL B 270 27.31 30.31 -5.60
C VAL B 270 26.72 31.48 -4.82
N GLU B 271 27.05 32.71 -5.21
CA GLU B 271 26.63 33.87 -4.45
C GLU B 271 25.25 34.38 -4.85
N TYR B 272 24.64 33.84 -5.89
CA TYR B 272 23.33 34.30 -6.34
C TYR B 272 22.27 33.22 -6.27
N GLY B 273 22.53 32.04 -6.84
CA GLY B 273 21.56 30.97 -6.79
C GLY B 273 21.47 30.31 -5.43
N ILE B 274 20.45 29.47 -5.28
CA ILE B 274 20.22 28.71 -4.06
C ILE B 274 20.01 27.25 -4.42
N THR B 275 20.16 26.39 -3.42
CA THR B 275 19.96 24.96 -3.58
C THR B 275 18.84 24.50 -2.65
N SER B 276 18.65 23.19 -2.57
CA SER B 276 17.60 22.64 -1.71
C SER B 276 17.84 23.01 -0.24
N ASP B 277 19.09 23.22 0.15
CA ASP B 277 19.39 23.64 1.51
C ASP B 277 18.75 24.99 1.83
N ASP B 278 18.65 25.87 0.83
CA ASP B 278 18.06 27.19 1.00
C ASP B 278 16.64 27.28 0.46
N LEU B 279 16.00 26.15 0.19
CA LEU B 279 14.67 26.14 -0.41
C LEU B 279 13.55 25.94 0.59
N PHE B 280 13.77 25.11 1.60
CA PHE B 280 12.71 24.74 2.53
C PHE B 280 12.58 25.71 3.69
N SER B 281 13.45 26.73 3.78
CA SER B 281 13.32 27.79 4.76
C SER B 281 13.34 29.17 4.11
N LEU B 282 13.07 29.23 2.82
CA LEU B 282 13.17 30.48 2.08
C LEU B 282 12.01 31.40 2.46
N PRO B 283 12.29 32.59 2.98
CA PRO B 283 11.19 33.45 3.48
C PRO B 283 10.21 33.90 2.41
N TYR B 284 10.68 34.08 1.18
CA TYR B 284 9.84 34.60 0.11
C TYR B 284 9.48 33.51 -0.89
N PHE B 285 8.33 33.68 -1.52
CA PHE B 285 7.87 32.72 -2.53
C PHE B 285 8.75 32.83 -3.77
N PRO B 286 9.34 31.73 -4.23
CA PRO B 286 10.19 31.80 -5.43
C PRO B 286 9.49 32.34 -6.66
N GLY B 287 8.20 32.05 -6.86
CA GLY B 287 7.51 32.56 -8.02
C GLY B 287 8.01 31.92 -9.31
N LYS B 288 8.24 32.75 -10.32
CA LYS B 288 8.77 32.27 -11.59
C LYS B 288 10.19 31.76 -11.38
N THR B 289 10.35 30.45 -11.37
CA THR B 289 11.57 29.80 -10.94
C THR B 289 12.19 29.00 -12.07
N LEU B 290 13.52 28.99 -12.12
CA LEU B 290 14.27 28.08 -12.96
C LEU B 290 14.86 26.99 -12.09
N VAL B 291 14.82 25.75 -12.57
CA VAL B 291 15.36 24.60 -11.86
C VAL B 291 16.43 23.96 -12.72
N ILE B 292 17.60 23.71 -12.13
CA ILE B 292 18.74 23.17 -12.85
C ILE B 292 18.91 21.71 -12.46
N GLY B 293 19.06 20.84 -13.45
CA GLY B 293 19.24 19.43 -13.21
C GLY B 293 17.95 18.64 -13.31
N ALA B 294 18.10 17.34 -13.56
CA ALA B 294 16.96 16.44 -13.74
C ALA B 294 16.87 15.39 -12.65
N SER B 295 17.62 15.54 -11.55
CA SER B 295 17.51 14.61 -10.44
C SER B 295 16.13 14.70 -9.82
N TYR B 296 15.73 13.63 -9.11
CA TYR B 296 14.36 13.56 -8.62
C TYR B 296 14.05 14.67 -7.63
N VAL B 297 15.06 15.18 -6.93
CA VAL B 297 14.85 16.34 -6.07
C VAL B 297 14.44 17.56 -6.90
N ALA B 298 15.10 17.78 -8.04
CA ALA B 298 14.78 18.92 -8.88
C ALA B 298 13.34 18.85 -9.38
N LEU B 299 12.94 17.67 -9.88
CA LEU B 299 11.58 17.52 -10.39
C LEU B 299 10.56 17.64 -9.27
N GLU B 300 10.86 17.08 -8.10
CA GLU B 300 9.94 17.20 -6.97
C GLU B 300 9.73 18.65 -6.57
N CYS B 301 10.82 19.41 -6.47
CA CYS B 301 10.70 20.82 -6.09
C CYS B 301 9.97 21.62 -7.16
N ALA B 302 10.27 21.35 -8.44
CA ALA B 302 9.59 22.07 -9.51
C ALA B 302 8.10 21.78 -9.51
N GLY B 303 7.73 20.51 -9.32
CA GLY B 303 6.32 20.17 -9.23
C GLY B 303 5.64 20.82 -8.05
N PHE B 304 6.35 20.88 -6.92
CA PHE B 304 5.79 21.54 -5.73
C PHE B 304 5.47 23.00 -6.03
N LEU B 305 6.45 23.71 -6.57
CA LEU B 305 6.25 25.14 -6.85
C LEU B 305 5.17 25.34 -7.92
N ALA B 306 5.14 24.48 -8.94
CA ALA B 306 4.16 24.63 -10.00
C ALA B 306 2.74 24.40 -9.48
N SER B 307 2.52 23.30 -8.76
CA SER B 307 1.20 23.04 -8.20
C SER B 307 0.83 24.09 -7.16
N LEU B 308 1.83 24.72 -6.53
CA LEU B 308 1.53 25.80 -5.59
C LEU B 308 1.01 27.03 -6.32
N GLY B 309 1.42 27.23 -7.58
CA GLY B 309 0.92 28.34 -8.36
C GLY B 309 1.96 29.04 -9.21
N GLY B 310 3.21 29.04 -8.77
CA GLY B 310 4.26 29.73 -9.51
C GLY B 310 4.72 28.92 -10.70
N ASP B 311 4.79 29.56 -11.87
CA ASP B 311 5.27 28.89 -13.06
C ASP B 311 6.76 28.58 -12.92
N VAL B 312 7.14 27.36 -13.31
CA VAL B 312 8.52 26.91 -13.16
C VAL B 312 9.02 26.34 -14.48
N THR B 313 10.34 26.40 -14.66
CA THR B 313 11.01 25.90 -15.85
C THR B 313 12.11 24.94 -15.42
N VAL B 314 11.85 23.64 -15.58
CA VAL B 314 12.90 22.65 -15.43
C VAL B 314 13.84 22.75 -16.61
N MET B 315 15.13 22.56 -16.35
CA MET B 315 16.16 22.64 -17.39
C MET B 315 16.97 21.35 -17.33
N VAL B 316 16.58 20.37 -18.14
CA VAL B 316 17.14 19.03 -18.11
C VAL B 316 18.40 18.99 -18.93
N ARG B 317 19.47 18.43 -18.36
CA ARG B 317 20.74 18.33 -19.08
C ARG B 317 20.68 17.25 -20.15
N SER B 318 20.50 16.00 -19.75
CA SER B 318 20.44 14.90 -20.71
C SER B 318 19.09 14.19 -20.71
N ILE B 319 18.65 13.65 -19.57
CA ILE B 319 17.43 12.86 -19.50
C ILE B 319 16.78 13.09 -18.15
N LEU B 320 15.46 12.95 -18.10
CA LEU B 320 14.73 13.07 -16.85
C LEU B 320 14.92 11.83 -15.99
N LEU B 321 15.21 12.05 -14.71
CA LEU B 321 15.29 10.99 -13.72
C LEU B 321 16.30 9.91 -14.14
N ARG B 322 17.56 10.32 -14.24
CA ARG B 322 18.61 9.38 -14.59
C ARG B 322 18.71 8.27 -13.55
N GLY B 323 18.77 7.03 -14.02
CA GLY B 323 18.82 5.86 -13.17
C GLY B 323 17.49 5.17 -12.97
N PHE B 324 16.38 5.84 -13.23
CA PHE B 324 15.06 5.26 -13.10
C PHE B 324 14.61 4.67 -14.44
N ASP B 325 13.41 4.12 -14.46
CA ASP B 325 12.83 3.67 -15.73
C ASP B 325 12.51 4.88 -16.59
N GLN B 326 12.92 4.82 -17.86
CA GLN B 326 12.74 5.96 -18.74
C GLN B 326 11.29 6.16 -19.15
N GLN B 327 10.51 5.09 -19.25
CA GLN B 327 9.12 5.21 -19.68
C GLN B 327 8.31 6.04 -18.68
N MET B 328 8.36 5.67 -17.40
CA MET B 328 7.65 6.46 -16.41
C MET B 328 8.34 7.78 -16.13
N ALA B 329 9.64 7.88 -16.38
CA ALA B 329 10.26 9.19 -16.32
C ALA B 329 9.63 10.16 -17.32
N GLU B 330 9.45 9.69 -18.56
CA GLU B 330 8.78 10.51 -19.57
C GLU B 330 7.33 10.76 -19.19
N LYS B 331 6.65 9.75 -18.63
CA LYS B 331 5.25 9.93 -18.23
C LYS B 331 5.12 11.00 -17.16
N VAL B 332 5.99 10.97 -16.15
CA VAL B 332 5.94 11.96 -15.08
C VAL B 332 6.28 13.34 -15.61
N GLY B 333 7.29 13.43 -16.48
CA GLY B 333 7.60 14.71 -17.10
C GLY B 333 6.42 15.26 -17.88
N ASP B 334 5.73 14.41 -18.61
CA ASP B 334 4.53 14.84 -19.33
C ASP B 334 3.44 15.28 -18.36
N TYR B 335 3.35 14.64 -17.20
CA TYR B 335 2.35 15.05 -16.22
C TYR B 335 2.64 16.45 -15.68
N MET B 336 3.92 16.75 -15.40
CA MET B 336 4.22 18.13 -15.04
C MET B 336 3.94 19.07 -16.20
N GLU B 337 4.27 18.66 -17.43
CA GLU B 337 4.06 19.53 -18.58
C GLU B 337 2.58 19.88 -18.75
N ASN B 338 1.70 18.92 -18.53
CA ASN B 338 0.26 19.16 -18.66
C ASN B 338 -0.28 20.06 -17.57
N HIS B 339 0.48 20.32 -16.50
CA HIS B 339 0.03 21.18 -15.42
C HIS B 339 0.82 22.48 -15.33
N GLY B 340 1.51 22.85 -16.41
CA GLY B 340 2.21 24.12 -16.45
C GLY B 340 3.62 24.10 -15.91
N VAL B 341 4.47 23.24 -16.46
CA VAL B 341 5.89 23.17 -16.11
C VAL B 341 6.67 23.20 -17.40
N LYS B 342 7.40 24.28 -17.65
CA LYS B 342 8.23 24.35 -18.85
C LYS B 342 9.40 23.38 -18.72
N PHE B 343 9.84 22.83 -19.85
CA PHE B 343 10.90 21.83 -19.87
C PHE B 343 11.90 22.17 -20.98
N ALA B 344 13.07 22.67 -20.61
CA ALA B 344 14.14 22.96 -21.56
C ALA B 344 15.03 21.73 -21.67
N LYS B 345 14.50 20.71 -22.34
CA LYS B 345 15.23 19.46 -22.50
C LYS B 345 16.43 19.66 -23.42
N LEU B 346 17.45 18.82 -23.21
CA LEU B 346 18.69 18.86 -24.00
C LEU B 346 19.33 20.24 -23.95
N CYS B 347 19.38 20.82 -22.75
CA CYS B 347 19.98 22.12 -22.54
C CYS B 347 20.88 22.07 -21.30
N VAL B 348 21.93 22.88 -21.32
CA VAL B 348 22.86 22.99 -20.19
C VAL B 348 23.07 24.47 -19.90
N PRO B 349 23.42 24.84 -18.67
CA PRO B 349 23.58 26.26 -18.34
C PRO B 349 24.98 26.77 -18.64
N ASP B 350 25.06 28.07 -18.92
CA ASP B 350 26.34 28.73 -19.18
C ASP B 350 26.68 29.75 -18.11
N GLU B 351 25.81 30.73 -17.86
CA GLU B 351 26.09 31.76 -16.87
C GLU B 351 24.78 32.27 -16.28
N ILE B 352 24.89 32.87 -15.09
CA ILE B 352 23.78 33.55 -14.44
C ILE B 352 24.28 34.89 -13.91
N LYS B 353 23.46 35.92 -14.06
CA LYS B 353 23.79 37.26 -13.60
C LYS B 353 22.58 37.86 -12.88
N GLN B 354 22.76 39.05 -12.34
CA GLN B 354 21.71 39.73 -11.59
C GLN B 354 21.34 41.06 -12.24
N LEU B 355 20.05 41.34 -12.28
CA LEU B 355 19.53 42.64 -12.70
C LEU B 355 18.97 43.44 -11.53
N LYS B 356 18.24 42.79 -10.63
CA LYS B 356 17.69 43.43 -9.44
C LYS B 356 18.22 42.72 -8.21
N VAL B 357 18.72 43.50 -7.25
CA VAL B 357 19.22 42.92 -6.01
C VAL B 357 18.05 42.29 -5.24
N VAL B 358 18.38 41.35 -4.36
CA VAL B 358 17.35 40.72 -3.56
C VAL B 358 16.66 41.77 -2.69
N ASP B 359 15.33 41.78 -2.72
CA ASP B 359 14.55 42.80 -2.03
C ASP B 359 14.09 42.22 -0.70
N THR B 360 15.02 42.22 0.27
CA THR B 360 14.78 41.55 1.54
C THR B 360 13.97 42.41 2.51
N GLU B 361 13.82 43.72 2.25
CA GLU B 361 13.08 44.57 3.17
C GLU B 361 11.61 44.19 3.24
N ASN B 362 11.03 43.82 2.08
CA ASN B 362 9.66 43.34 2.03
C ASN B 362 9.58 41.87 1.63
N ASN B 363 10.70 41.16 1.68
CA ASN B 363 10.77 39.73 1.36
C ASN B 363 10.32 39.45 -0.06
N LYS B 364 11.00 40.11 -1.02
CA LYS B 364 10.70 39.88 -2.45
C LYS B 364 12.00 39.43 -3.12
N PRO B 365 11.96 38.40 -4.01
CA PRO B 365 13.17 37.86 -4.63
C PRO B 365 13.68 38.80 -5.73
N GLY B 366 15.00 38.99 -5.75
CA GLY B 366 15.59 39.81 -6.79
C GLY B 366 15.61 39.11 -8.14
N LEU B 367 15.63 39.90 -9.20
CA LEU B 367 15.61 39.36 -10.54
C LEU B 367 16.98 38.81 -10.94
N LEU B 368 16.98 37.73 -11.72
CA LEU B 368 18.19 37.10 -12.21
C LEU B 368 18.03 36.76 -13.68
N LEU B 369 19.15 36.71 -14.39
CA LEU B 369 19.19 36.38 -15.81
C LEU B 369 19.99 35.11 -16.00
N VAL B 370 19.47 34.20 -16.82
CA VAL B 370 20.11 32.92 -17.10
C VAL B 370 20.43 32.84 -18.59
N LYS B 371 21.66 32.44 -18.89
CA LYS B 371 22.14 32.21 -20.25
C LYS B 371 22.67 30.79 -20.33
N GLY B 372 22.28 30.07 -21.38
CA GLY B 372 22.72 28.71 -21.55
C GLY B 372 22.73 28.33 -23.02
N HIS B 373 23.14 27.10 -23.30
CA HIS B 373 23.15 26.60 -24.66
C HIS B 373 22.62 25.17 -24.69
N TYR B 374 21.92 24.84 -25.77
CA TYR B 374 21.40 23.50 -25.98
C TYR B 374 22.52 22.63 -26.57
N THR B 375 22.16 21.42 -27.01
CA THR B 375 23.12 20.57 -27.69
C THR B 375 23.55 21.15 -29.04
N ASP B 376 22.73 22.01 -29.64
CA ASP B 376 23.05 22.65 -30.90
C ASP B 376 23.67 24.03 -30.73
N GLY B 377 23.90 24.46 -29.49
CA GLY B 377 24.51 25.76 -29.24
C GLY B 377 23.58 26.94 -29.27
N LYS B 378 22.26 26.72 -29.32
CA LYS B 378 21.31 27.82 -29.33
C LYS B 378 21.42 28.60 -28.02
N LYS B 379 21.50 29.93 -28.14
CA LYS B 379 21.73 30.79 -26.99
C LYS B 379 20.41 31.01 -26.24
N PHE B 380 20.11 30.07 -25.34
CA PHE B 380 18.95 30.22 -24.47
C PHE B 380 19.18 31.38 -23.51
N GLU B 381 18.19 32.27 -23.41
CA GLU B 381 18.33 33.51 -22.68
C GLU B 381 17.00 33.85 -22.03
N GLU B 382 16.91 33.73 -20.70
CA GLU B 382 15.65 34.04 -20.04
C GLU B 382 15.89 34.70 -18.70
N GLU B 383 14.79 35.11 -18.06
CA GLU B 383 14.80 35.82 -16.80
C GLU B 383 14.04 35.02 -15.75
N PHE B 384 14.64 34.87 -14.58
CA PHE B 384 14.02 34.19 -13.46
C PHE B 384 14.44 34.90 -12.18
N GLU B 385 13.46 35.17 -11.30
CA GLU B 385 13.81 35.81 -10.04
C GLU B 385 14.46 34.84 -9.08
N THR B 386 14.51 33.55 -9.42
CA THR B 386 15.20 32.58 -8.60
C THR B 386 15.58 31.37 -9.45
N VAL B 387 16.78 30.87 -9.18
CA VAL B 387 17.31 29.67 -9.82
C VAL B 387 17.71 28.69 -8.73
N ILE B 388 17.20 27.47 -8.82
CA ILE B 388 17.44 26.43 -7.82
C ILE B 388 18.34 25.37 -8.45
N PHE B 389 19.52 25.19 -7.87
CA PHE B 389 20.51 24.23 -8.36
C PHE B 389 20.33 22.90 -7.63
N ALA B 390 19.93 21.88 -8.38
CA ALA B 390 19.84 20.51 -7.87
C ALA B 390 20.55 19.62 -8.89
N VAL B 391 21.87 19.50 -8.73
CA VAL B 391 22.70 18.76 -9.68
C VAL B 391 23.38 17.61 -8.96
N GLY B 392 22.74 17.07 -7.93
CA GLY B 392 23.28 15.99 -7.16
C GLY B 392 24.01 16.48 -5.92
N ARG B 393 24.45 15.51 -5.12
CA ARG B 393 25.13 15.79 -3.87
C ARG B 393 26.45 15.04 -3.81
N GLU B 394 27.43 15.64 -3.13
CA GLU B 394 28.75 15.06 -2.97
C GLU B 394 29.20 15.17 -1.53
N PRO B 395 29.97 14.20 -1.04
CA PRO B 395 30.42 14.22 0.36
C PRO B 395 31.79 14.85 0.53
N GLN B 396 31.96 15.56 1.64
CA GLN B 396 33.23 16.22 1.97
C GLN B 396 34.03 15.35 2.94
N LEU B 397 34.55 14.26 2.39
CA LEU B 397 35.43 13.39 3.19
C LEU B 397 36.74 14.06 3.51
N SER B 398 37.26 14.91 2.62
CA SER B 398 38.51 15.60 2.87
C SER B 398 38.43 16.47 4.12
N LYS B 399 37.24 16.98 4.43
CA LYS B 399 37.04 17.80 5.61
C LYS B 399 36.77 17.00 6.87
N VAL B 400 36.52 15.69 6.75
CA VAL B 400 36.20 14.87 7.92
C VAL B 400 37.27 13.80 8.12
N LEU B 401 37.83 13.28 7.04
CA LEU B 401 38.77 12.17 7.10
C LEU B 401 40.15 12.61 6.67
N CYS B 402 41.16 12.23 7.45
CA CYS B 402 42.54 12.53 7.09
C CYS B 402 43.00 11.65 5.95
N GLU B 403 43.90 12.19 5.12
CA GLU B 403 44.40 11.45 3.97
C GLU B 403 45.30 10.30 4.35
N THR B 404 45.71 10.20 5.62
CA THR B 404 46.60 9.12 6.04
C THR B 404 45.95 7.76 5.92
N VAL B 405 44.63 7.67 6.03
CA VAL B 405 43.91 6.41 5.87
C VAL B 405 43.41 6.30 4.44
N GLY B 406 43.54 5.12 3.87
CA GLY B 406 43.21 4.90 2.48
C GLY B 406 41.76 4.55 2.27
N VAL B 407 41.07 5.34 1.45
CA VAL B 407 39.70 5.09 1.03
C VAL B 407 39.60 5.39 -0.47
N LYS B 408 38.40 5.21 -1.01
CA LYS B 408 38.15 5.45 -2.43
C LYS B 408 37.01 6.43 -2.59
N LEU B 409 37.18 7.37 -3.51
CA LEU B 409 36.13 8.32 -3.89
C LEU B 409 36.03 8.38 -5.40
N ASP B 410 34.81 8.38 -5.91
CA ASP B 410 34.55 8.52 -7.33
C ASP B 410 34.32 10.00 -7.65
N LYS B 411 33.83 10.28 -8.86
CA LYS B 411 33.50 11.65 -9.23
C LYS B 411 32.42 12.22 -8.32
N ASN B 412 31.41 11.42 -8.00
CA ASN B 412 30.34 11.82 -7.10
C ASN B 412 30.69 11.67 -5.63
N GLY B 413 31.90 11.20 -5.33
CA GLY B 413 32.34 11.04 -3.96
C GLY B 413 32.33 9.60 -3.51
N ARG B 414 31.51 9.30 -2.48
CA ARG B 414 31.30 7.94 -1.99
C ARG B 414 32.55 7.40 -1.29
N VAL B 415 32.39 6.35 -0.50
CA VAL B 415 33.49 5.76 0.26
C VAL B 415 33.45 4.25 0.05
N VAL B 416 34.60 3.67 -0.28
CA VAL B 416 34.69 2.22 -0.45
C VAL B 416 34.40 1.55 0.88
N CYS B 417 33.62 0.47 0.84
CA CYS B 417 33.30 -0.26 2.06
C CYS B 417 32.85 -1.67 1.68
N THR B 418 32.99 -2.59 2.62
CA THR B 418 32.66 -3.99 2.39
C THR B 418 31.23 -4.25 2.84
N ASP B 419 30.86 -5.53 2.91
CA ASP B 419 29.48 -5.91 3.18
C ASP B 419 29.03 -5.47 4.57
N ASP B 420 29.84 -5.74 5.59
CA ASP B 420 29.44 -5.47 6.97
C ASP B 420 29.87 -4.08 7.43
N GLU B 421 29.55 -3.07 6.62
CA GLU B 421 29.81 -1.66 6.91
C GLU B 421 31.17 -1.43 7.55
N GLN B 422 32.18 -2.17 7.10
CA GLN B 422 33.53 -2.12 7.62
C GLN B 422 34.44 -1.41 6.63
N THR B 423 35.16 -0.39 7.12
CA THR B 423 36.13 0.32 6.30
C THR B 423 37.48 -0.41 6.37
N THR B 424 38.53 0.24 5.87
CA THR B 424 39.85 -0.35 5.94
C THR B 424 40.33 -0.48 7.38
N VAL B 425 40.09 0.55 8.20
CA VAL B 425 40.41 0.46 9.61
C VAL B 425 39.37 -0.41 10.31
N SER B 426 39.83 -1.26 11.24
CA SER B 426 38.93 -2.22 11.87
C SER B 426 37.90 -1.63 12.81
N ASN B 427 38.14 -0.43 13.34
CA ASN B 427 37.18 0.24 14.22
C ASN B 427 36.68 1.56 13.64
N VAL B 428 36.67 1.69 12.32
CA VAL B 428 36.09 2.85 11.64
C VAL B 428 35.05 2.34 10.66
N TYR B 429 33.83 2.86 10.78
CA TYR B 429 32.66 2.35 10.08
C TYR B 429 31.94 3.49 9.36
N ALA B 430 31.42 3.20 8.17
CA ALA B 430 30.73 4.18 7.36
C ALA B 430 29.32 3.71 7.07
N ILE B 431 28.34 4.56 7.36
CA ILE B 431 26.93 4.27 7.11
C ILE B 431 26.29 5.50 6.48
N GLY B 432 25.13 5.29 5.87
CA GLY B 432 24.36 6.39 5.34
C GLY B 432 24.42 6.52 3.83
N ASP B 433 24.93 7.66 3.35
CA ASP B 433 24.94 7.96 1.93
C ASP B 433 26.35 7.89 1.33
N ILE B 434 27.30 7.35 2.08
CA ILE B 434 28.69 7.31 1.63
C ILE B 434 29.19 5.89 1.39
N ASN B 435 28.40 4.87 1.70
CA ASN B 435 28.83 3.50 1.44
C ASN B 435 28.97 3.25 -0.06
N ALA B 436 29.90 2.35 -0.40
CA ALA B 436 30.20 2.06 -1.80
C ALA B 436 29.02 1.36 -2.45
N GLY B 437 28.33 2.06 -3.36
CA GLY B 437 27.24 1.49 -4.11
C GLY B 437 25.95 1.28 -3.35
N LYS B 438 25.86 1.78 -2.12
CA LYS B 438 24.62 1.50 -1.41
C LYS B 438 23.60 2.63 -1.53
N PRO B 439 22.31 2.29 -1.55
CA PRO B 439 21.27 3.28 -1.85
C PRO B 439 21.33 4.50 -0.93
N GLN B 440 21.01 5.65 -1.51
CA GLN B 440 20.99 6.93 -0.79
C GLN B 440 19.56 7.19 -0.33
N LEU B 441 19.15 6.44 0.70
CA LEU B 441 17.80 6.54 1.24
C LEU B 441 17.88 6.62 2.76
N THR B 442 16.90 7.30 3.35
CA THR B 442 16.87 7.42 4.81
C THR B 442 16.71 6.08 5.52
N PRO B 443 15.75 5.21 5.16
CA PRO B 443 15.68 3.92 5.83
C PRO B 443 16.93 3.09 5.65
N VAL B 444 17.65 3.26 4.54
CA VAL B 444 18.93 2.59 4.38
C VAL B 444 19.88 2.98 5.50
N ALA B 445 20.03 4.28 5.75
CA ALA B 445 20.92 4.74 6.80
C ALA B 445 20.45 4.26 8.17
N ILE B 446 19.14 4.34 8.43
CA ILE B 446 18.63 3.95 9.74
C ILE B 446 18.88 2.47 10.00
N GLN B 447 18.54 1.62 9.03
CA GLN B 447 18.73 0.18 9.19
C GLN B 447 20.21 -0.17 9.30
N ALA B 448 21.05 0.48 8.49
CA ALA B 448 22.49 0.21 8.57
C ALA B 448 23.02 0.56 9.95
N GLY B 449 22.64 1.72 10.49
CA GLY B 449 23.11 2.11 11.80
C GLY B 449 22.64 1.17 12.89
N ARG B 450 21.35 0.83 12.88
CA ARG B 450 20.80 -0.04 13.92
C ARG B 450 21.44 -1.43 13.87
N TYR B 451 21.54 -2.01 12.67
CA TYR B 451 22.12 -3.34 12.54
C TYR B 451 23.61 -3.33 12.86
N LEU B 452 24.33 -2.28 12.51
CA LEU B 452 25.74 -2.19 12.88
C LEU B 452 25.91 -2.11 14.39
N ALA B 453 25.08 -1.29 15.06
CA ALA B 453 25.18 -1.23 16.51
C ALA B 453 24.86 -2.58 17.14
N ARG B 454 23.88 -3.30 16.58
CA ARG B 454 23.58 -4.65 17.08
C ARG B 454 24.76 -5.59 16.88
N ARG B 455 25.40 -5.52 15.72
CA ARG B 455 26.53 -6.42 15.43
C ARG B 455 27.78 -6.05 16.21
N LEU B 456 27.90 -4.80 16.65
CA LEU B 456 29.05 -4.35 17.42
C LEU B 456 28.90 -4.62 18.91
N PHE B 457 27.85 -4.07 19.52
CA PHE B 457 27.74 -4.05 20.98
C PHE B 457 26.77 -5.11 21.50
N ALA B 458 26.30 -6.02 20.64
CA ALA B 458 25.49 -7.13 21.09
C ALA B 458 25.84 -8.45 20.39
N GLY B 459 26.84 -8.47 19.52
CA GLY B 459 27.21 -9.69 18.83
C GLY B 459 26.14 -10.22 17.89
N ALA B 460 25.47 -9.34 17.15
CA ALA B 460 24.46 -9.78 16.22
C ALA B 460 25.10 -10.44 14.99
N THR B 461 24.27 -11.08 14.18
CA THR B 461 24.72 -11.79 12.99
C THR B 461 24.05 -11.33 11.71
N GLU B 462 22.77 -10.96 11.77
CA GLU B 462 22.04 -10.56 10.57
C GLU B 462 22.60 -9.25 10.01
N LEU B 463 22.75 -9.20 8.69
CA LEU B 463 23.25 -8.03 8.00
C LEU B 463 22.10 -7.24 7.39
N THR B 464 22.28 -5.92 7.30
CA THR B 464 21.30 -5.08 6.63
C THR B 464 21.31 -5.35 5.12
N ASP B 465 20.14 -5.23 4.51
CA ASP B 465 19.96 -5.56 3.10
C ASP B 465 19.87 -4.29 2.29
N TYR B 466 20.72 -4.17 1.27
CA TYR B 466 20.68 -3.06 0.32
C TYR B 466 20.08 -3.48 -1.01
N SER B 467 19.55 -4.69 -1.12
CA SER B 467 19.01 -5.21 -2.36
C SER B 467 17.50 -5.03 -2.40
N ASN B 468 16.98 -4.79 -3.60
CA ASN B 468 15.55 -4.57 -3.83
C ASN B 468 15.03 -3.43 -2.96
N VAL B 469 15.82 -2.38 -2.84
CA VAL B 469 15.43 -1.20 -2.07
C VAL B 469 14.47 -0.36 -2.91
N ALA B 470 13.21 -0.34 -2.53
CA ALA B 470 12.21 0.44 -3.26
C ALA B 470 12.37 1.91 -2.96
N THR B 471 11.82 2.75 -3.83
CA THR B 471 11.83 4.19 -3.64
C THR B 471 10.52 4.77 -4.16
N THR B 472 10.24 6.00 -3.72
CA THR B 472 9.09 6.74 -4.21
C THR B 472 9.49 8.20 -4.34
N VAL B 473 9.26 8.77 -5.52
CA VAL B 473 9.49 10.18 -5.76
C VAL B 473 8.15 10.90 -5.70
N PHE B 474 8.11 11.99 -4.93
CA PHE B 474 6.87 12.70 -4.62
C PHE B 474 6.61 13.84 -5.59
N THR B 475 6.61 13.53 -6.88
CA THR B 475 6.20 14.49 -7.90
C THR B 475 4.71 14.77 -7.70
N PRO B 476 4.12 15.74 -8.40
CA PRO B 476 2.67 15.93 -8.27
C PRO B 476 1.88 14.66 -8.56
N LEU B 477 2.39 13.80 -9.44
CA LEU B 477 1.88 12.46 -9.62
C LEU B 477 3.00 11.52 -9.16
N GLU B 478 2.88 11.01 -7.94
CA GLU B 478 3.96 10.26 -7.31
C GLU B 478 4.31 9.02 -8.11
N TYR B 479 5.59 8.67 -8.12
CA TYR B 479 6.07 7.49 -8.84
C TYR B 479 6.85 6.60 -7.88
N GLY B 480 6.38 5.37 -7.69
CA GLY B 480 7.04 4.46 -6.78
C GLY B 480 7.46 3.16 -7.42
N ALA B 481 8.73 2.79 -7.25
CA ALA B 481 9.28 1.62 -7.92
C ALA B 481 10.01 0.74 -6.91
N CYS B 482 10.07 -0.56 -7.23
CA CYS B 482 10.79 -1.54 -6.44
C CYS B 482 11.48 -2.52 -7.38
N GLY B 483 12.65 -2.98 -7.00
CA GLY B 483 13.37 -3.98 -7.77
C GLY B 483 14.24 -3.34 -8.87
N LEU B 484 13.87 -3.60 -10.12
CA LEU B 484 14.62 -3.13 -11.28
C LEU B 484 13.68 -2.41 -12.24
N SER B 485 14.22 -2.03 -13.39
CA SER B 485 13.48 -1.35 -14.43
C SER B 485 13.39 -2.22 -15.67
N GLU B 486 12.71 -1.72 -16.70
CA GLU B 486 12.60 -2.45 -17.96
C GLU B 486 13.96 -2.60 -18.63
N GLU B 487 14.67 -1.48 -18.82
CA GLU B 487 15.94 -1.53 -19.53
C GLU B 487 16.98 -2.32 -18.75
N ASP B 488 16.98 -2.19 -17.42
CA ASP B 488 17.91 -2.97 -16.60
C ASP B 488 17.63 -4.46 -16.74
N ALA B 489 16.37 -4.86 -16.73
CA ALA B 489 16.02 -6.27 -16.89
C ALA B 489 16.41 -6.78 -18.27
N ILE B 490 16.17 -5.99 -19.32
CA ILE B 490 16.55 -6.40 -20.67
C ILE B 490 18.06 -6.57 -20.77
N GLU B 491 18.82 -5.64 -20.19
CA GLU B 491 20.27 -5.76 -20.21
C GLU B 491 20.73 -6.99 -19.42
N LYS B 492 20.08 -7.28 -18.29
CA LYS B 492 20.56 -8.35 -17.43
C LYS B 492 20.24 -9.72 -18.00
N TYR B 493 19.04 -9.92 -18.54
CA TYR B 493 18.59 -11.25 -18.93
C TYR B 493 18.15 -11.35 -20.40
N GLY B 494 18.15 -10.27 -21.16
CA GLY B 494 17.75 -10.32 -22.55
C GLY B 494 16.25 -10.15 -22.73
N ASP B 495 15.88 -9.86 -23.98
CA ASP B 495 14.48 -9.59 -24.30
C ASP B 495 13.59 -10.81 -24.07
N LYS B 496 14.09 -12.00 -24.45
CA LYS B 496 13.26 -13.19 -24.39
C LYS B 496 13.01 -13.68 -22.98
N ASP B 497 13.87 -13.30 -22.02
CA ASP B 497 13.74 -13.74 -20.64
C ASP B 497 13.02 -12.74 -19.76
N ILE B 498 12.51 -11.64 -20.32
CA ILE B 498 11.86 -10.58 -19.56
C ILE B 498 10.46 -10.39 -20.12
N GLU B 499 9.46 -10.44 -19.25
CA GLU B 499 8.06 -10.24 -19.60
C GLU B 499 7.51 -9.07 -18.81
N VAL B 500 6.81 -8.17 -19.49
CA VAL B 500 6.31 -6.94 -18.89
C VAL B 500 4.78 -6.96 -18.93
N TYR B 501 4.17 -6.80 -17.78
CA TYR B 501 2.72 -6.68 -17.64
C TYR B 501 2.39 -5.24 -17.31
N HIS B 502 1.59 -4.60 -18.15
CA HIS B 502 1.33 -3.17 -18.03
C HIS B 502 -0.16 -2.91 -17.97
N SER B 503 -0.53 -1.81 -17.31
CA SER B 503 -1.93 -1.45 -17.21
C SER B 503 -2.07 0.05 -17.01
N ASN B 504 -3.01 0.65 -17.73
CA ASN B 504 -3.37 2.06 -17.58
C ASN B 504 -4.69 2.12 -16.82
N PHE B 505 -4.62 2.55 -15.56
CA PHE B 505 -5.78 2.54 -14.68
C PHE B 505 -6.16 3.97 -14.31
N LYS B 506 -7.34 4.10 -13.70
CA LYS B 506 -7.85 5.40 -13.27
C LYS B 506 -8.35 5.27 -11.85
N PRO B 507 -7.86 6.06 -10.91
CA PRO B 507 -8.37 6.00 -9.54
C PRO B 507 -9.83 6.45 -9.47
N LEU B 508 -10.55 5.87 -8.52
CA LEU B 508 -11.97 6.20 -8.37
C LEU B 508 -12.15 7.64 -7.95
N GLU B 509 -11.15 8.24 -7.29
CA GLU B 509 -11.24 9.63 -6.88
C GLU B 509 -11.19 10.61 -8.07
N TRP B 510 -10.84 10.13 -9.26
CA TRP B 510 -10.73 10.98 -10.43
C TRP B 510 -11.93 10.88 -11.36
N THR B 511 -12.94 10.09 -11.01
CA THR B 511 -14.08 9.90 -11.90
C THR B 511 -15.01 11.11 -11.87
N VAL B 512 -15.56 11.43 -10.70
CA VAL B 512 -16.43 12.59 -10.58
C VAL B 512 -15.66 13.88 -10.86
N ALA B 513 -14.42 13.95 -10.40
CA ALA B 513 -13.60 15.15 -10.57
C ALA B 513 -13.26 15.44 -12.02
N HIS B 514 -13.49 14.49 -12.93
CA HIS B 514 -13.13 14.65 -14.34
C HIS B 514 -11.64 14.96 -14.51
N ARG B 515 -10.81 14.27 -13.75
CA ARG B 515 -9.36 14.42 -13.85
C ARG B 515 -8.86 13.65 -15.07
N GLU B 516 -7.55 13.52 -15.19
CA GLU B 516 -6.97 12.80 -16.33
C GLU B 516 -7.35 11.33 -16.28
N ASP B 517 -7.58 10.76 -17.46
CA ASP B 517 -7.99 9.37 -17.60
C ASP B 517 -6.88 8.58 -18.26
N ASN B 518 -6.61 7.37 -17.74
CA ASN B 518 -5.58 6.48 -18.32
C ASN B 518 -4.18 7.07 -18.12
N VAL B 519 -4.07 8.19 -17.42
CA VAL B 519 -2.74 8.79 -17.13
C VAL B 519 -1.99 7.86 -16.16
N CYS B 520 -2.68 7.37 -15.13
CA CYS B 520 -2.03 6.48 -14.12
C CYS B 520 -1.45 5.25 -14.82
N TYR B 521 -0.40 4.66 -14.25
CA TYR B 521 0.26 3.54 -14.92
C TYR B 521 0.75 2.50 -13.90
N MET B 522 0.79 1.25 -14.35
CA MET B 522 1.31 0.14 -13.56
C MET B 522 2.15 -0.74 -14.46
N LYS B 523 3.34 -1.12 -13.98
CA LYS B 523 4.26 -1.96 -14.74
C LYS B 523 4.79 -3.07 -13.85
N LEU B 524 4.98 -4.24 -14.45
CA LEU B 524 5.49 -5.40 -13.74
C LEU B 524 6.51 -6.08 -14.64
N VAL B 525 7.69 -6.35 -14.10
CA VAL B 525 8.78 -6.99 -14.83
C VAL B 525 9.05 -8.35 -14.18
N CYS B 526 8.94 -9.41 -14.97
CA CYS B 526 9.12 -10.76 -14.47
C CYS B 526 10.05 -11.55 -15.39
N ARG B 527 10.69 -12.57 -14.82
CA ARG B 527 11.67 -13.38 -15.53
C ARG B 527 11.10 -14.77 -15.76
N LYS B 528 11.05 -15.19 -17.02
CA LYS B 528 10.39 -16.45 -17.35
C LYS B 528 11.19 -17.65 -16.86
N SER B 529 12.51 -17.56 -16.83
CA SER B 529 13.35 -18.71 -16.53
C SER B 529 13.25 -19.18 -15.08
N ASP B 530 12.68 -18.39 -14.19
CA ASP B 530 12.54 -18.76 -12.78
C ASP B 530 11.09 -18.63 -12.33
N ASN B 531 10.18 -19.21 -13.13
CA ASN B 531 8.76 -19.30 -12.79
C ASN B 531 8.12 -17.92 -12.71
N MET B 532 8.38 -17.09 -13.70
CA MET B 532 7.77 -15.77 -13.83
C MET B 532 8.00 -14.92 -12.58
N ARG B 533 9.21 -15.00 -12.04
CA ARG B 533 9.54 -14.29 -10.81
C ARG B 533 9.56 -12.78 -11.05
N VAL B 534 8.87 -12.04 -10.18
CA VAL B 534 8.76 -10.60 -10.35
C VAL B 534 10.08 -9.94 -9.99
N LEU B 535 10.67 -9.22 -10.95
CA LEU B 535 11.93 -8.52 -10.71
C LEU B 535 11.69 -7.06 -10.35
N GLY B 536 11.06 -6.31 -11.26
CA GLY B 536 10.86 -4.89 -11.06
C GLY B 536 9.41 -4.47 -11.19
N LEU B 537 8.84 -3.94 -10.11
CA LEU B 537 7.45 -3.51 -10.08
C LEU B 537 7.39 -2.00 -9.94
N HIS B 538 6.44 -1.39 -10.64
CA HIS B 538 6.37 0.06 -10.77
C HIS B 538 4.93 0.52 -10.72
N VAL B 539 4.67 1.61 -10.00
CA VAL B 539 3.35 2.22 -9.96
C VAL B 539 3.52 3.73 -10.13
N LEU B 540 2.58 4.35 -10.84
CA LEU B 540 2.62 5.78 -11.11
C LEU B 540 1.18 6.28 -10.95
N GLY B 541 0.90 6.88 -9.80
CA GLY B 541 -0.44 7.33 -9.48
C GLY B 541 -0.48 8.01 -8.12
N PRO B 542 -1.68 8.28 -7.63
CA PRO B 542 -1.80 8.92 -6.31
C PRO B 542 -1.44 7.96 -5.19
N ASN B 543 -0.75 8.49 -4.18
CA ASN B 543 -0.36 7.73 -3.00
C ASN B 543 0.40 6.45 -3.38
N ALA B 544 1.34 6.59 -4.32
CA ALA B 544 2.08 5.44 -4.81
C ALA B 544 3.03 4.85 -3.78
N GLY B 545 3.41 5.63 -2.77
CA GLY B 545 4.39 5.14 -1.80
C GLY B 545 3.90 3.94 -1.01
N GLU B 546 2.64 3.98 -0.56
CA GLU B 546 2.10 2.88 0.23
C GLU B 546 2.05 1.60 -0.58
N ILE B 547 1.54 1.69 -1.81
CA ILE B 547 1.48 0.52 -2.69
C ILE B 547 2.88 -0.01 -2.95
N THR B 548 3.82 0.90 -3.22
CA THR B 548 5.18 0.48 -3.52
C THR B 548 5.81 -0.23 -2.34
N GLN B 549 5.61 0.27 -1.12
CA GLN B 549 6.23 -0.37 0.04
C GLN B 549 5.59 -1.72 0.32
N GLY B 550 4.26 -1.81 0.23
CA GLY B 550 3.61 -3.10 0.42
C GLY B 550 4.11 -4.14 -0.56
N TYR B 551 4.20 -3.75 -1.84
CA TYR B 551 4.66 -4.69 -2.84
C TYR B 551 6.16 -4.94 -2.76
N ALA B 552 6.93 -4.01 -2.21
CA ALA B 552 8.34 -4.27 -1.96
C ALA B 552 8.51 -5.32 -0.87
N VAL B 553 7.71 -5.23 0.18
CA VAL B 553 7.73 -6.27 1.21
C VAL B 553 7.31 -7.61 0.62
N ALA B 554 6.32 -7.60 -0.27
CA ALA B 554 5.92 -8.84 -0.93
C ALA B 554 7.03 -9.41 -1.79
N ILE B 555 7.71 -8.55 -2.56
CA ILE B 555 8.72 -9.01 -3.52
C ILE B 555 9.96 -9.51 -2.80
N LYS B 556 10.38 -8.80 -1.73
CA LYS B 556 11.65 -9.11 -1.07
C LYS B 556 11.76 -10.57 -0.67
N MET B 557 10.65 -11.19 -0.27
CA MET B 557 10.65 -12.58 0.13
C MET B 557 10.22 -13.53 -1.00
N GLY B 558 10.46 -13.15 -2.26
CA GLY B 558 10.24 -14.07 -3.37
C GLY B 558 8.80 -14.20 -3.83
N ALA B 559 8.23 -13.14 -4.37
CA ALA B 559 6.86 -13.14 -4.86
C ALA B 559 6.85 -13.32 -6.38
N THR B 560 6.02 -14.25 -6.86
CA THR B 560 5.86 -14.51 -8.28
C THR B 560 4.55 -13.93 -8.78
N LYS B 561 4.38 -13.93 -10.11
CA LYS B 561 3.17 -13.36 -10.69
C LYS B 561 1.95 -14.22 -10.37
N ALA B 562 2.11 -15.54 -10.35
CA ALA B 562 1.02 -16.42 -9.95
C ALA B 562 0.59 -16.12 -8.51
N ASP B 563 1.52 -15.71 -7.66
CA ASP B 563 1.16 -15.28 -6.32
C ASP B 563 0.26 -14.04 -6.37
N PHE B 564 0.57 -13.10 -7.27
CA PHE B 564 -0.30 -11.94 -7.43
C PHE B 564 -1.68 -12.35 -7.91
N ASP B 565 -1.75 -13.30 -8.85
CA ASP B 565 -3.05 -13.77 -9.31
C ASP B 565 -3.85 -14.44 -8.19
N ARG B 566 -3.17 -15.22 -7.35
CA ARG B 566 -3.86 -15.91 -6.27
C ARG B 566 -4.46 -14.94 -5.25
N THR B 567 -3.87 -13.75 -5.11
CA THR B 567 -4.34 -12.81 -4.12
C THR B 567 -5.70 -12.24 -4.51
N ILE B 568 -6.56 -12.05 -3.51
CA ILE B 568 -7.85 -11.39 -3.69
C ILE B 568 -7.67 -9.90 -3.40
N GLY B 569 -8.09 -9.07 -4.34
CA GLY B 569 -7.88 -7.64 -4.21
C GLY B 569 -8.78 -7.00 -3.18
N ILE B 570 -8.54 -5.72 -2.94
CA ILE B 570 -9.34 -4.90 -2.04
C ILE B 570 -10.09 -3.90 -2.91
N HIS B 571 -11.42 -4.00 -2.89
CA HIS B 571 -12.20 -3.12 -3.75
C HIS B 571 -13.03 -2.17 -2.89
N PRO B 572 -13.12 -0.89 -3.29
CA PRO B 572 -12.39 -0.32 -4.41
C PRO B 572 -11.15 0.47 -3.98
N THR B 573 -10.01 0.16 -4.57
CA THR B 573 -8.79 0.95 -4.40
C THR B 573 -8.08 1.02 -5.74
N CYS B 574 -6.81 1.42 -5.70
CA CYS B 574 -5.99 1.37 -6.90
C CYS B 574 -5.18 0.08 -6.94
N SER B 575 -4.63 -0.32 -5.80
CA SER B 575 -3.65 -1.39 -5.75
C SER B 575 -4.17 -2.73 -6.25
N GLU B 576 -5.47 -2.99 -6.14
CA GLU B 576 -5.96 -4.30 -6.57
C GLU B 576 -5.87 -4.45 -8.08
N THR B 577 -5.67 -3.34 -8.80
CA THR B 577 -5.44 -3.44 -10.23
C THR B 577 -4.17 -4.23 -10.54
N PHE B 578 -3.24 -4.28 -9.59
CA PHE B 578 -2.07 -5.15 -9.75
C PHE B 578 -2.43 -6.62 -9.76
N THR B 579 -3.53 -7.01 -9.11
CA THR B 579 -3.97 -8.39 -9.10
C THR B 579 -4.79 -8.76 -10.34
N THR B 580 -5.01 -7.79 -11.23
CA THR B 580 -5.69 -8.00 -12.50
C THR B 580 -4.81 -7.59 -13.66
N LEU B 581 -3.52 -7.94 -13.56
CA LEU B 581 -2.55 -7.65 -14.60
C LEU B 581 -2.46 -8.85 -15.54
N HIS B 582 -2.90 -8.66 -16.78
CA HIS B 582 -2.85 -9.72 -17.79
C HIS B 582 -2.30 -9.26 -19.13
N VAL B 583 -2.31 -7.96 -19.45
CA VAL B 583 -1.80 -7.50 -20.73
C VAL B 583 -0.28 -7.62 -20.74
N THR B 584 0.26 -7.98 -21.91
CA THR B 584 1.70 -8.14 -22.08
C THR B 584 2.21 -7.16 -23.11
N LYS B 585 3.41 -6.63 -22.89
CA LYS B 585 4.02 -5.71 -23.85
C LYS B 585 4.38 -6.43 -25.14
N LYS B 586 4.68 -7.72 -25.09
CA LYS B 586 4.98 -8.47 -26.30
C LYS B 586 3.78 -8.51 -27.23
N SER B 587 2.58 -8.69 -26.68
CA SER B 587 1.38 -8.67 -27.49
C SER B 587 1.12 -7.29 -28.08
N GLY B 588 1.50 -6.24 -27.39
CA GLY B 588 1.32 -4.90 -27.88
C GLY B 588 -0.05 -4.30 -27.66
N VAL B 589 -0.92 -4.97 -26.88
CA VAL B 589 -2.25 -4.43 -26.61
C VAL B 589 -2.13 -3.12 -25.86
N SER B 590 -2.96 -2.15 -26.22
CA SER B 590 -2.89 -0.84 -25.62
C SER B 590 -3.27 -0.90 -24.15
N PRO B 591 -2.47 -0.33 -23.26
CA PRO B 591 -2.81 -0.33 -21.82
C PRO B 591 -4.14 0.35 -21.53
N ILE B 592 -4.58 1.27 -22.38
CA ILE B 592 -5.75 2.10 -22.10
C ILE B 592 -7.01 1.26 -22.00
N VAL B 593 -7.59 1.21 -20.80
CA VAL B 593 -8.89 0.59 -20.55
C VAL B 593 -9.76 1.61 -19.82
N SER B 594 -10.99 1.79 -20.29
CA SER B 594 -11.88 2.80 -19.75
C SER B 594 -13.10 2.19 -19.07
N GLY B 595 -13.86 1.36 -19.78
CA GLY B 595 -15.07 0.78 -19.21
C GLY B 595 -14.86 -0.62 -18.68
N CYS B 596 -14.20 -1.46 -19.46
CA CYS B 596 -13.92 -2.83 -19.02
C CYS B 596 -12.89 -2.89 -17.91
N CYS B 597 -12.03 -1.87 -17.79
CA CYS B 597 -10.98 -1.80 -16.78
C CYS B 597 -10.07 -3.01 -16.85
N GLY B 598 -9.77 -3.48 -18.05
CA GLY B 598 -8.92 -4.64 -18.24
C GLY B 598 -9.63 -5.96 -17.97
#